data_4BRC
#
_entry.id   4BRC
#
_cell.length_a   63.070
_cell.length_b   84.756
_cell.length_c   70.837
_cell.angle_alpha   90.00
_cell.angle_beta   106.48
_cell.angle_gamma   90.00
#
_symmetry.space_group_name_H-M   'P 1 21 1'
#
loop_
_entity.id
_entity.type
_entity.pdbx_description
1 polymer 'ECTONUCLEOSIDE TRIPHOSPHATE DIPHOSPHOHYDROLASE I'
2 non-polymer "5'-O-[(R)-hydroxy(phosphonoamino)phosphoryl]adenosine"
3 non-polymer '2-(N-MORPHOLINO)-ETHANESULFONIC ACID'
4 non-polymer 'CHLORIDE ION'
5 non-polymer 'MAGNESIUM ION'
6 water water
#
_entity_poly.entity_id   1
_entity_poly.type   'polypeptide(L)'
_entity_poly.pdbx_seq_one_letter_code
;MDTNPCEKHSCIAVIDAGSTGSRLHIYSYDTDDTNTPIHIEEIWNKKIKPGFASIQPNSVTIDAYLTMLLADAPIHNIPV
YFYATAGMRLLPQSQQKKYYDELDYWFRQQSQWQLVEAKTITGNDEALFDWLAVNYKLDTLKSVQNKSVGVMDMGGASVQ
IVFPMPKNAEISKHNQVELNIYGQNINLYVHSFLGLGQTEMSHQFLNSPSCFANDYPLPDGESGQGNAPSCKEEVTSLMN
SVHKVNQQIQPLLALNPVNEWYSIGGISNLASSQLFHFENSELTNQSLLQQGDNQICHQQWDILNGQYPDDEYLYQYCLL
SSYYYALMVDGYGINPNQTIHYIPPEQNLDWTIGVVLHRALEHHHHHH
;
_entity_poly.pdbx_strand_id   A,B
#
loop_
_chem_comp.id
_chem_comp.type
_chem_comp.name
_chem_comp.formula
AU1 non-polymer 5'-O-[(R)-hydroxy(phosphonoamino)phosphoryl]adenosine 'C10 H16 N6 O9 P2'
CL non-polymer 'CHLORIDE ION' 'Cl -1'
MES non-polymer '2-(N-MORPHOLINO)-ETHANESULFONIC ACID' 'C6 H13 N O4 S'
MG non-polymer 'MAGNESIUM ION' 'Mg 2'
#
# COMPACT_ATOMS: atom_id res chain seq x y z
N ASN A 4 10.04 13.09 40.23
CA ASN A 4 8.85 12.36 39.64
C ASN A 4 7.57 13.27 39.55
N PRO A 5 7.29 13.81 38.36
CA PRO A 5 6.07 14.64 38.20
C PRO A 5 4.78 13.86 38.50
N CYS A 6 4.86 12.56 38.40
CA CYS A 6 3.66 11.72 38.45
C CYS A 6 3.24 11.40 39.87
N GLU A 7 4.01 11.85 40.87
CA GLU A 7 3.54 11.72 42.23
C GLU A 7 2.64 12.91 42.63
N LYS A 8 2.69 14.03 41.91
CA LYS A 8 1.85 15.21 42.27
C LYS A 8 0.80 15.57 41.21
N HIS A 9 0.84 14.87 40.08
CA HIS A 9 -0.06 15.09 38.92
C HIS A 9 -0.46 13.77 38.41
N SER A 10 -1.64 13.71 37.81
CA SER A 10 -1.98 12.50 37.02
C SER A 10 -1.08 12.30 35.81
N CYS A 11 -0.69 11.04 35.54
CA CYS A 11 0.07 10.73 34.33
C CYS A 11 -0.49 9.55 33.62
N ILE A 12 -0.58 9.62 32.30
CA ILE A 12 -0.87 8.41 31.49
C ILE A 12 0.10 8.43 30.32
N ALA A 13 0.31 7.21 29.77
CA ALA A 13 1.08 7.04 28.52
C ALA A 13 0.08 6.71 27.40
N VAL A 14 0.25 7.46 26.29
CA VAL A 14 -0.56 7.13 25.07
C VAL A 14 0.41 6.88 23.95
N ILE A 15 0.20 5.81 23.19
CA ILE A 15 1.01 5.51 21.99
C ILE A 15 0.16 5.69 20.73
N ASP A 16 0.60 6.61 19.89
CA ASP A 16 0.09 6.75 18.52
C ASP A 16 0.76 5.62 17.72
N ALA A 17 0.04 4.51 17.53
CA ALA A 17 0.61 3.45 16.69
C ALA A 17 0.23 3.68 15.25
N GLY A 18 0.92 4.66 14.65
CA GLY A 18 0.57 5.16 13.36
C GLY A 18 1.14 4.31 12.20
N SER A 19 0.76 4.68 10.98
CA SER A 19 1.07 3.77 9.86
C SER A 19 2.58 3.76 9.54
N THR A 20 3.33 4.84 9.78
CA THR A 20 4.78 4.85 9.45
C THR A 20 5.64 4.73 10.72
N GLY A 21 5.03 4.70 11.91
CA GLY A 21 5.83 4.68 13.15
C GLY A 21 4.95 4.75 14.35
N SER A 22 5.52 4.42 15.50
CA SER A 22 4.84 4.57 16.77
C SER A 22 5.47 5.67 17.60
N ARG A 23 4.62 6.46 18.27
CA ARG A 23 5.09 7.59 19.13
C ARG A 23 4.50 7.43 20.53
N LEU A 24 5.38 7.18 21.48
CA LEU A 24 5.01 7.08 22.87
C LEU A 24 5.06 8.48 23.48
N HIS A 25 4.00 8.89 24.17
CA HIS A 25 4.03 10.16 24.99
C HIS A 25 3.61 9.80 26.38
N ILE A 26 4.30 10.30 27.40
CA ILE A 26 3.76 10.31 28.75
C ILE A 26 3.35 11.76 29.01
N TYR A 27 2.08 11.91 29.36
CA TYR A 27 1.52 13.22 29.71
C TYR A 27 1.25 13.30 31.19
N SER A 28 1.63 14.44 31.78
CA SER A 28 1.16 14.78 33.12
C SER A 28 0.04 15.80 32.98
N TYR A 29 -0.87 15.82 33.97
CA TYR A 29 -1.94 16.84 33.88
C TYR A 29 -2.59 16.94 35.24
N ASP A 30 -3.26 18.09 35.42
CA ASP A 30 -4.17 18.26 36.59
C ASP A 30 -5.60 18.15 36.09
N THR A 31 -6.60 18.34 36.96
CA THR A 31 -7.99 18.32 36.53
C THR A 31 -8.76 19.45 37.13
N ASP A 32 -9.73 19.91 36.39
CA ASP A 32 -10.55 21.00 36.91
C ASP A 32 -11.65 20.37 37.76
N ASP A 33 -12.63 21.21 38.13
CA ASP A 33 -13.66 20.80 39.09
C ASP A 33 -14.59 19.74 38.56
N THR A 34 -14.50 19.41 37.28
CA THR A 34 -15.30 18.32 36.69
C THR A 34 -14.46 17.11 36.30
N ASN A 35 -13.21 17.08 36.80
CA ASN A 35 -12.27 15.99 36.53
C ASN A 35 -11.82 15.96 35.06
N THR A 36 -11.88 17.11 34.36
CA THR A 36 -11.36 17.24 32.97
C THR A 36 -9.97 17.75 33.00
N PRO A 37 -9.07 17.12 32.25
CA PRO A 37 -7.71 17.53 32.29
C PRO A 37 -7.43 18.97 31.89
N ILE A 38 -6.52 19.58 32.66
CA ILE A 38 -5.93 20.87 32.33
C ILE A 38 -4.39 20.76 32.54
N HIS A 39 -3.63 21.76 32.05
CA HIS A 39 -2.17 21.80 32.32
C HIS A 39 -1.51 20.54 31.76
N ILE A 40 -1.96 20.08 30.56
CA ILE A 40 -1.39 18.84 29.97
C ILE A 40 0.04 19.16 29.48
N GLU A 41 1.02 18.38 29.95
CA GLU A 41 2.42 18.56 29.55
CA GLU A 41 2.43 18.55 29.60
C GLU A 41 3.00 17.19 29.16
N GLU A 42 3.75 17.17 28.06
CA GLU A 42 4.49 15.98 27.69
C GLU A 42 5.77 15.93 28.48
N ILE A 43 5.98 14.85 29.22
CA ILE A 43 7.17 14.69 30.05
C ILE A 43 8.10 13.61 29.56
N TRP A 44 7.65 12.81 28.58
CA TRP A 44 8.52 11.82 27.98
C TRP A 44 8.00 11.54 26.58
N ASN A 45 8.92 11.37 25.63
CA ASN A 45 8.49 10.83 24.36
CA ASN A 45 8.59 11.07 24.19
C ASN A 45 9.57 10.02 23.69
N LYS A 46 9.08 9.04 22.95
CA LYS A 46 10.03 8.20 22.17
C LYS A 46 9.28 7.78 20.91
N LYS A 47 10.02 7.77 19.81
CA LYS A 47 9.43 7.36 18.53
C LYS A 47 10.23 6.21 18.00
N ILE A 48 9.54 5.34 17.26
CA ILE A 48 10.18 4.18 16.61
CA ILE A 48 10.29 4.34 16.52
C ILE A 48 9.56 4.08 15.18
N LYS A 49 10.30 3.51 14.25
CA LYS A 49 9.83 3.13 12.91
C LYS A 49 10.15 1.62 12.78
N PRO A 50 9.47 0.92 11.86
CA PRO A 50 8.36 1.35 11.01
C PRO A 50 7.04 1.26 11.75
N GLY A 51 5.92 1.29 11.03
CA GLY A 51 4.61 1.14 11.66
C GLY A 51 4.42 -0.27 12.23
N PHE A 52 3.78 -0.33 13.40
CA PHE A 52 3.47 -1.62 14.09
C PHE A 52 2.77 -2.60 13.13
N ALA A 53 1.83 -2.11 12.36
CA ALA A 53 0.99 -2.98 11.53
C ALA A 53 1.73 -3.36 10.29
N SER A 54 3.00 -2.99 10.16
CA SER A 54 3.81 -3.45 9.00
C SER A 54 4.76 -4.55 9.35
N ILE A 55 5.02 -4.79 10.63
CA ILE A 55 6.03 -5.80 11.00
C ILE A 55 5.41 -7.18 11.14
N GLN A 56 6.27 -8.20 11.15
CA GLN A 56 5.72 -9.55 11.28
C GLN A 56 5.12 -9.77 12.66
N PRO A 57 3.85 -10.28 12.73
CA PRO A 57 3.15 -10.40 14.04
C PRO A 57 3.54 -11.70 14.78
N ASN A 58 4.85 -11.85 15.02
CA ASN A 58 5.39 -13.02 15.72
C ASN A 58 5.99 -12.53 17.04
N SER A 59 6.15 -13.41 18.05
CA SER A 59 6.61 -12.91 19.34
CA SER A 59 6.63 -12.94 19.36
C SER A 59 8.00 -12.28 19.28
N VAL A 60 8.91 -12.85 18.48
CA VAL A 60 10.28 -12.29 18.45
C VAL A 60 10.30 -10.81 17.97
N THR A 61 9.60 -10.57 16.88
CA THR A 61 9.58 -9.25 16.30
CA THR A 61 9.62 -9.21 16.31
C THR A 61 8.81 -8.21 17.14
N ILE A 62 7.66 -8.64 17.66
CA ILE A 62 6.80 -7.73 18.46
C ILE A 62 7.56 -7.41 19.75
N ASP A 63 8.25 -8.40 20.35
CA ASP A 63 9.02 -8.14 21.55
C ASP A 63 10.11 -7.10 21.29
N ALA A 64 10.84 -7.29 20.19
CA ALA A 64 11.96 -6.38 19.91
C ALA A 64 11.41 -4.95 19.76
N TYR A 65 10.26 -4.86 19.08
CA TYR A 65 9.71 -3.53 18.73
C TYR A 65 9.21 -2.85 20.02
N LEU A 66 8.41 -3.55 20.84
CA LEU A 66 7.93 -2.92 22.07
C LEU A 66 9.05 -2.60 23.05
N THR A 67 10.01 -3.52 23.12
CA THR A 67 11.16 -3.25 24.00
C THR A 67 11.85 -1.95 23.64
N MET A 68 12.07 -1.72 22.38
CA MET A 68 12.73 -0.52 21.87
CA MET A 68 12.74 -0.50 21.93
C MET A 68 11.87 0.74 22.18
N LEU A 69 10.56 0.65 21.91
CA LEU A 69 9.71 1.83 22.05
C LEU A 69 9.63 2.24 23.51
N LEU A 70 9.65 1.26 24.42
CA LEU A 70 9.26 1.50 25.82
C LEU A 70 10.45 1.57 26.80
N ALA A 71 11.67 1.67 26.28
CA ALA A 71 12.93 1.73 27.07
C ALA A 71 13.27 3.16 27.54
N ASP A 72 14.02 3.21 28.62
CA ASP A 72 14.72 4.43 29.14
C ASP A 72 13.83 5.37 29.89
N ALA A 73 12.53 5.04 30.09
CA ALA A 73 11.60 6.01 30.74
C ALA A 73 11.97 6.13 32.21
N PRO A 74 12.04 7.36 32.77
CA PRO A 74 12.44 7.47 34.17
C PRO A 74 11.27 7.43 35.17
N ILE A 75 10.14 6.80 34.81
CA ILE A 75 8.98 6.70 35.70
C ILE A 75 8.38 5.30 35.59
N HIS A 76 8.00 4.70 36.72
CA HIS A 76 7.48 3.32 36.77
C HIS A 76 5.98 3.26 36.85
N ASN A 77 5.39 2.13 36.41
CA ASN A 77 3.98 1.81 36.71
C ASN A 77 2.98 2.78 36.12
N ILE A 78 3.34 3.35 34.95
CA ILE A 78 2.39 4.28 34.26
C ILE A 78 1.36 3.45 33.43
N PRO A 79 0.05 3.82 33.48
CA PRO A 79 -0.93 3.16 32.61
CA PRO A 79 -0.95 3.18 32.61
C PRO A 79 -0.72 3.54 31.15
N VAL A 80 -0.89 2.54 30.28
CA VAL A 80 -0.64 2.66 28.86
C VAL A 80 -1.87 2.44 28.00
N TYR A 81 -2.13 3.39 27.09
CA TYR A 81 -3.19 3.27 26.09
C TYR A 81 -2.50 3.20 24.73
N PHE A 82 -2.60 2.02 24.13
CA PHE A 82 -1.91 1.77 22.83
C PHE A 82 -2.98 1.83 21.74
N TYR A 83 -2.99 2.90 20.93
CA TYR A 83 -4.09 3.06 19.97
C TYR A 83 -3.56 3.10 18.55
N ALA A 84 -3.97 2.11 17.74
CA ALA A 84 -3.51 1.98 16.32
C ALA A 84 -4.50 2.66 15.39
N THR A 85 -3.96 3.14 14.28
CA THR A 85 -4.72 3.90 13.35
C THR A 85 -4.88 3.17 11.96
N ALA A 86 -4.78 3.90 10.83
CA ALA A 86 -5.17 3.35 9.57
C ALA A 86 -4.27 2.24 9.10
N GLY A 87 -3.02 2.18 9.43
CA GLY A 87 -2.20 1.01 9.04
C GLY A 87 -2.80 -0.32 9.49
N MET A 88 -3.33 -0.29 10.73
CA MET A 88 -3.97 -1.47 11.29
C MET A 88 -5.34 -1.68 10.60
N ARG A 89 -6.05 -0.57 10.29
CA ARG A 89 -7.38 -0.69 9.73
C ARG A 89 -7.34 -1.28 8.30
N LEU A 90 -6.18 -1.32 7.62
CA LEU A 90 -6.10 -2.04 6.36
C LEU A 90 -6.19 -3.54 6.51
N LEU A 91 -6.05 -4.07 7.67
CA LEU A 91 -5.96 -5.50 7.92
C LEU A 91 -7.31 -5.99 8.46
N PRO A 92 -7.70 -7.24 8.13
CA PRO A 92 -8.97 -7.78 8.67
C PRO A 92 -8.80 -8.05 10.16
N GLN A 93 -9.94 -8.14 10.85
CA GLN A 93 -9.90 -8.26 12.29
C GLN A 93 -9.10 -9.48 12.74
N SER A 94 -9.17 -10.59 12.02
CA SER A 94 -8.41 -11.80 12.45
C SER A 94 -6.90 -11.57 12.43
N GLN A 95 -6.41 -10.71 11.52
CA GLN A 95 -4.98 -10.44 11.47
CA GLN A 95 -4.99 -10.41 11.42
C GLN A 95 -4.60 -9.42 12.57
N GLN A 96 -5.48 -8.45 12.80
CA GLN A 96 -5.25 -7.51 13.88
C GLN A 96 -5.12 -8.27 15.21
N LYS A 97 -5.98 -9.27 15.40
CA LYS A 97 -5.96 -10.04 16.63
C LYS A 97 -4.61 -10.66 16.92
N LYS A 98 -3.92 -11.11 15.88
CA LYS A 98 -2.60 -11.73 16.10
C LYS A 98 -1.67 -10.69 16.77
N TYR A 99 -1.68 -9.44 16.26
CA TYR A 99 -0.82 -8.41 16.83
C TYR A 99 -1.22 -8.16 18.30
N TYR A 100 -2.53 -7.98 18.57
CA TYR A 100 -2.92 -7.61 19.93
C TYR A 100 -2.72 -8.77 20.90
N ASP A 101 -2.87 -10.03 20.48
CA ASP A 101 -2.63 -11.16 21.40
C ASP A 101 -1.14 -11.15 21.79
N GLU A 102 -0.23 -10.92 20.83
CA GLU A 102 1.19 -10.96 21.11
C GLU A 102 1.54 -9.74 22.01
N LEU A 103 0.99 -8.54 21.70
CA LEU A 103 1.30 -7.36 22.49
C LEU A 103 0.78 -7.58 23.92
N ASP A 104 -0.42 -8.16 24.07
CA ASP A 104 -0.93 -8.35 25.42
C ASP A 104 0.00 -9.28 26.18
N TYR A 105 0.46 -10.36 25.56
CA TYR A 105 1.37 -11.25 26.23
C TYR A 105 2.64 -10.55 26.65
N TRP A 106 3.21 -9.73 25.75
CA TRP A 106 4.42 -8.99 26.08
C TRP A 106 4.24 -8.16 27.35
N PHE A 107 3.13 -7.40 27.39
CA PHE A 107 2.92 -6.58 28.57
C PHE A 107 2.76 -7.42 29.84
N ARG A 108 2.16 -8.61 29.76
CA ARG A 108 2.02 -9.47 30.95
C ARG A 108 3.33 -10.07 31.46
N GLN A 109 4.40 -10.00 30.66
CA GLN A 109 5.72 -10.56 31.04
C GLN A 109 6.63 -9.53 31.69
N GLN A 110 6.17 -8.29 31.83
CA GLN A 110 7.06 -7.28 32.37
C GLN A 110 6.30 -6.51 33.46
N SER A 111 7.00 -5.63 34.19
CA SER A 111 6.50 -5.05 35.41
C SER A 111 6.70 -3.56 35.47
N GLN A 112 7.15 -2.97 34.37
CA GLN A 112 7.41 -1.51 34.29
C GLN A 112 6.14 -0.75 33.92
N TRP A 113 5.43 -1.18 32.90
CA TRP A 113 4.26 -0.46 32.41
C TRP A 113 3.03 -1.22 32.74
N GLN A 114 1.94 -0.53 32.94
CA GLN A 114 0.64 -1.14 33.15
C GLN A 114 -0.25 -0.99 31.90
N LEU A 115 -0.43 -2.05 31.09
CA LEU A 115 -1.31 -1.91 29.92
C LEU A 115 -2.76 -1.75 30.40
N VAL A 116 -3.44 -0.76 29.89
CA VAL A 116 -4.88 -0.55 30.14
C VAL A 116 -5.71 -0.90 28.91
N GLU A 117 -5.32 -0.38 27.74
CA GLU A 117 -6.04 -0.71 26.48
C GLU A 117 -5.06 -0.78 25.38
N ALA A 118 -5.32 -1.75 24.48
CA ALA A 118 -4.58 -1.83 23.18
C ALA A 118 -5.57 -2.17 22.12
N LYS A 119 -5.84 -1.27 21.19
CA LYS A 119 -6.87 -1.56 20.20
C LYS A 119 -6.74 -0.61 19.05
N THR A 120 -7.45 -0.94 17.96
CA THR A 120 -7.51 -0.07 16.78
C THR A 120 -8.62 0.94 16.99
N ILE A 121 -8.34 2.21 16.79
CA ILE A 121 -9.39 3.21 16.89
C ILE A 121 -10.00 3.42 15.50
N THR A 122 -11.22 3.95 15.43
CA THR A 122 -11.78 4.20 14.12
C THR A 122 -11.23 5.49 13.52
N GLY A 123 -11.45 5.71 12.27
CA GLY A 123 -11.06 7.00 11.67
C GLY A 123 -11.83 8.17 12.22
N ASN A 124 -13.07 7.93 12.64
CA ASN A 124 -13.89 8.98 13.25
C ASN A 124 -13.34 9.32 14.64
N ASP A 125 -12.92 8.34 15.42
CA ASP A 125 -12.27 8.55 16.72
C ASP A 125 -11.01 9.38 16.48
N GLU A 126 -10.19 8.94 15.54
CA GLU A 126 -8.93 9.59 15.22
C GLU A 126 -9.17 11.08 14.83
N ALA A 127 -10.20 11.34 13.99
CA ALA A 127 -10.53 12.73 13.58
C ALA A 127 -10.96 13.54 14.83
N LEU A 128 -11.81 13.00 15.69
CA LEU A 128 -12.18 13.73 16.93
C LEU A 128 -10.95 14.07 17.73
N PHE A 129 -10.03 13.10 17.91
CA PHE A 129 -8.83 13.38 18.66
C PHE A 129 -7.96 14.44 17.94
N ASP A 130 -7.88 14.39 16.63
CA ASP A 130 -7.12 15.36 15.87
C ASP A 130 -7.67 16.75 16.25
N TRP A 131 -9.02 16.95 16.22
CA TRP A 131 -9.61 18.30 16.46
C TRP A 131 -9.33 18.70 17.92
N LEU A 132 -9.52 17.77 18.85
CA LEU A 132 -9.28 18.11 20.26
C LEU A 132 -7.85 18.52 20.45
N ALA A 133 -6.90 17.76 19.91
CA ALA A 133 -5.50 18.04 20.12
C ALA A 133 -5.11 19.46 19.69
N VAL A 134 -5.50 19.80 18.45
CA VAL A 134 -5.15 21.14 17.94
C VAL A 134 -5.87 22.24 18.73
N ASN A 135 -7.12 22.06 19.03
CA ASN A 135 -7.89 23.11 19.74
C ASN A 135 -7.40 23.26 21.18
N TYR A 136 -6.93 22.15 21.78
CA TYR A 136 -6.33 22.27 23.11
C TYR A 136 -5.11 23.16 23.04
N LYS A 137 -4.24 22.95 22.07
CA LYS A 137 -3.05 23.75 21.94
C LYS A 137 -3.34 25.25 21.61
N LEU A 138 -4.43 25.50 20.90
CA LEU A 138 -4.88 26.84 20.55
C LEU A 138 -5.64 27.52 21.69
N ASP A 139 -5.94 26.78 22.77
CA ASP A 139 -6.74 27.32 23.93
C ASP A 139 -8.15 27.73 23.51
N THR A 140 -8.76 27.01 22.58
CA THR A 140 -10.12 27.31 22.13
C THR A 140 -11.22 26.44 22.79
N LEU A 141 -10.87 25.49 23.63
CA LEU A 141 -11.86 24.55 24.22
C LEU A 141 -12.65 25.01 25.44
N LYS A 142 -12.05 25.92 26.20
CA LYS A 142 -12.61 26.23 27.53
C LYS A 142 -13.81 27.18 27.37
N SER A 143 -13.87 27.90 26.26
CA SER A 143 -14.96 28.89 26.07
C SER A 143 -15.60 28.76 24.68
N VAL A 144 -16.87 29.17 24.58
CA VAL A 144 -17.59 29.12 23.33
C VAL A 144 -16.94 30.04 22.28
N GLN A 145 -16.53 29.46 21.15
CA GLN A 145 -15.88 30.25 20.10
C GLN A 145 -16.87 30.86 19.13
N ASN A 146 -16.47 32.00 18.59
CA ASN A 146 -17.26 32.66 17.56
C ASN A 146 -16.63 32.49 16.21
N LYS A 147 -15.69 31.55 16.09
CA LYS A 147 -15.02 31.31 14.83
C LYS A 147 -14.97 29.80 14.70
N SER A 148 -15.08 29.31 13.48
CA SER A 148 -15.05 27.91 13.21
C SER A 148 -13.57 27.53 12.90
N VAL A 149 -13.08 26.54 13.66
CA VAL A 149 -11.72 25.98 13.44
C VAL A 149 -11.83 24.61 12.79
N GLY A 150 -11.24 24.49 11.62
CA GLY A 150 -11.17 23.16 10.96
C GLY A 150 -9.80 22.57 11.12
N VAL A 151 -9.74 21.24 11.22
CA VAL A 151 -8.44 20.52 11.34
C VAL A 151 -8.34 19.49 10.25
N MET A 152 -7.14 19.35 9.73
CA MET A 152 -6.80 18.30 8.77
C MET A 152 -5.55 17.53 9.25
N ASP A 153 -5.58 16.20 9.25
CA ASP A 153 -4.40 15.42 9.66
C ASP A 153 -4.01 14.60 8.38
N MET A 154 -2.82 14.92 7.91
CA MET A 154 -2.26 14.37 6.71
CA MET A 154 -2.30 14.32 6.67
C MET A 154 -1.41 13.14 7.09
N GLY A 155 -2.01 11.96 7.24
CA GLY A 155 -1.32 10.75 7.66
C GLY A 155 -0.81 9.97 6.43
N GLY A 156 -0.23 8.84 6.75
CA GLY A 156 0.36 7.91 5.79
C GLY A 156 -0.61 6.90 5.23
N ALA A 157 -1.62 6.47 5.98
CA ALA A 157 -2.61 5.54 5.50
C ALA A 157 -3.98 6.08 5.37
N SER A 158 -4.30 7.11 6.15
CA SER A 158 -5.60 7.84 5.99
C SER A 158 -5.29 9.34 6.19
N VAL A 159 -6.25 10.13 5.74
CA VAL A 159 -6.33 11.56 6.07
C VAL A 159 -7.65 11.86 6.76
N GLN A 160 -7.61 12.76 7.74
CA GLN A 160 -8.86 13.17 8.44
C GLN A 160 -9.15 14.64 8.16
N ILE A 161 -10.44 14.95 8.07
CA ILE A 161 -10.95 16.34 8.09
C ILE A 161 -12.03 16.42 9.14
N VAL A 162 -12.03 17.53 9.90
CA VAL A 162 -13.01 17.63 11.00
C VAL A 162 -13.30 19.13 11.17
N PHE A 163 -14.58 19.46 11.30
CA PHE A 163 -14.92 20.89 11.45
C PHE A 163 -16.30 21.00 12.11
N PRO A 164 -16.60 22.16 12.74
CA PRO A 164 -17.92 22.30 13.39
C PRO A 164 -19.09 22.18 12.39
N MET A 165 -20.15 21.46 12.75
CA MET A 165 -21.32 21.39 11.92
C MET A 165 -22.50 21.01 12.81
N PRO A 166 -23.59 21.77 12.75
CA PRO A 166 -24.72 21.32 13.57
C PRO A 166 -25.24 19.92 13.25
N LYS A 167 -25.91 19.22 14.20
CA LYS A 167 -26.48 17.92 13.88
C LYS A 167 -27.29 17.97 12.60
N ASN A 168 -27.08 16.96 11.74
CA ASN A 168 -27.71 16.89 10.45
C ASN A 168 -28.26 15.50 10.28
N ALA A 169 -29.58 15.40 10.34
CA ALA A 169 -30.27 14.13 10.27
C ALA A 169 -30.12 13.41 8.92
N GLU A 170 -29.62 14.10 7.89
CA GLU A 170 -29.46 13.46 6.59
C GLU A 170 -28.04 12.94 6.35
N ILE A 171 -27.16 13.11 7.34
CA ILE A 171 -25.78 12.63 7.29
C ILE A 171 -25.64 11.42 8.26
N SER A 172 -24.92 10.41 7.85
CA SER A 172 -24.62 9.26 8.69
C SER A 172 -24.24 9.68 10.10
N LYS A 173 -24.70 8.92 11.10
CA LYS A 173 -24.26 9.16 12.46
C LYS A 173 -22.74 8.97 12.60
N HIS A 174 -22.18 8.10 11.77
CA HIS A 174 -20.77 7.84 11.93
C HIS A 174 -19.90 9.05 11.59
N ASN A 175 -20.45 10.03 10.85
CA ASN A 175 -19.65 11.22 10.43
C ASN A 175 -19.99 12.42 11.28
N GLN A 176 -20.59 12.18 12.43
CA GLN A 176 -20.92 13.29 13.35
C GLN A 176 -20.67 12.95 14.79
N VAL A 177 -20.12 13.90 15.54
CA VAL A 177 -19.85 13.68 16.94
C VAL A 177 -20.39 14.85 17.73
N GLU A 178 -21.14 14.56 18.79
CA GLU A 178 -21.52 15.58 19.76
C GLU A 178 -20.52 15.52 20.91
N LEU A 179 -19.68 16.53 20.95
CA LEU A 179 -18.59 16.62 21.92
C LEU A 179 -19.00 17.48 23.13
N ASN A 180 -18.97 16.96 24.36
CA ASN A 180 -19.07 17.84 25.56
C ASN A 180 -17.67 17.98 26.23
N ILE A 181 -17.15 19.19 26.38
CA ILE A 181 -15.76 19.39 26.82
C ILE A 181 -15.78 20.70 27.57
N TYR A 182 -15.26 20.68 28.79
CA TYR A 182 -15.24 21.88 29.63
C TYR A 182 -16.66 22.48 29.76
N GLY A 183 -17.69 21.64 29.81
CA GLY A 183 -19.04 22.19 30.04
C GLY A 183 -19.71 22.78 28.80
N GLN A 184 -19.10 22.68 27.61
CA GLN A 184 -19.75 23.16 26.39
C GLN A 184 -19.98 21.99 25.43
N ASN A 185 -21.03 22.10 24.62
CA ASN A 185 -21.41 21.11 23.61
C ASN A 185 -20.99 21.63 22.26
N ILE A 186 -20.23 20.80 21.60
CA ILE A 186 -19.74 21.12 20.28
C ILE A 186 -20.17 19.97 19.36
N ASN A 187 -20.78 20.27 18.24
CA ASN A 187 -21.13 19.27 17.22
C ASN A 187 -20.14 19.39 16.08
N LEU A 188 -19.54 18.24 15.70
CA LEU A 188 -18.48 18.19 14.69
C LEU A 188 -18.86 17.23 13.57
N TYR A 189 -18.55 17.63 12.35
CA TYR A 189 -18.44 16.66 11.23
C TYR A 189 -17.07 16.05 11.25
N VAL A 190 -17.00 14.72 11.10
CA VAL A 190 -15.70 14.01 11.02
C VAL A 190 -15.71 13.09 9.81
N HIS A 191 -14.55 13.04 9.18
CA HIS A 191 -14.42 12.02 8.10
C HIS A 191 -12.95 11.65 8.02
N SER A 192 -12.71 10.36 7.79
CA SER A 192 -11.37 9.84 7.57
C SER A 192 -11.41 9.06 6.22
N PHE A 193 -10.39 9.25 5.39
CA PHE A 193 -10.42 8.65 4.08
C PHE A 193 -9.29 7.60 4.02
N LEU A 194 -9.68 6.33 4.17
CA LEU A 194 -8.75 5.21 4.21
C LEU A 194 -8.16 5.02 2.81
N GLY A 195 -6.84 4.89 2.72
CA GLY A 195 -6.18 4.70 1.38
C GLY A 195 -5.76 6.03 0.78
N LEU A 196 -6.21 7.17 1.32
CA LEU A 196 -5.75 8.47 0.78
C LEU A 196 -4.62 9.09 1.58
N GLY A 197 -4.14 8.40 2.62
CA GLY A 197 -2.88 8.81 3.23
C GLY A 197 -1.68 8.70 2.26
N GLN A 198 -0.57 9.39 2.53
CA GLN A 198 0.61 9.56 1.65
CA GLN A 198 0.42 9.63 1.51
C GLN A 198 1.09 8.29 1.07
N THR A 199 1.30 7.33 1.94
CA THR A 199 1.99 6.08 1.53
C THR A 199 1.12 5.33 0.58
N GLU A 200 -0.13 5.16 1.00
CA GLU A 200 -1.05 4.41 0.18
C GLU A 200 -1.30 5.06 -1.17
N MET A 201 -1.61 6.35 -1.15
CA MET A 201 -1.83 7.16 -2.37
CA MET A 201 -1.90 6.93 -2.44
C MET A 201 -0.66 6.98 -3.33
N SER A 202 0.52 7.10 -2.77
CA SER A 202 1.73 7.24 -3.59
C SER A 202 1.93 5.97 -4.45
N HIS A 203 1.45 4.84 -3.95
CA HIS A 203 1.58 3.58 -4.67
C HIS A 203 0.79 3.52 -5.96
N GLN A 204 -0.09 4.49 -6.24
CA GLN A 204 -0.80 4.58 -7.52
C GLN A 204 -0.08 5.48 -8.53
N PHE A 205 1.01 6.21 -8.13
CA PHE A 205 1.61 7.23 -9.00
C PHE A 205 3.11 7.11 -9.20
N LEU A 206 3.69 5.98 -8.77
CA LEU A 206 5.15 5.88 -8.81
C LEU A 206 5.72 5.86 -10.25
N ASN A 207 4.86 5.52 -11.23
CA ASN A 207 5.28 5.52 -12.63
C ASN A 207 4.69 6.70 -13.41
N SER A 208 4.30 7.76 -12.68
CA SER A 208 3.79 9.00 -13.32
C SER A 208 4.94 9.97 -13.51
N PRO A 209 5.46 10.19 -14.72
CA PRO A 209 6.60 11.12 -14.89
C PRO A 209 6.29 12.52 -14.34
N SER A 210 5.06 12.98 -14.45
CA SER A 210 4.74 14.33 -13.98
C SER A 210 4.93 14.52 -12.48
N CYS A 211 5.01 13.43 -11.73
CA CYS A 211 5.09 13.51 -10.30
C CYS A 211 6.47 13.41 -9.72
N PHE A 212 7.52 13.43 -10.53
CA PHE A 212 8.91 13.25 -10.09
C PHE A 212 9.80 14.22 -10.83
N ALA A 213 10.88 14.63 -10.17
CA ALA A 213 11.89 15.47 -10.84
C ALA A 213 12.40 14.94 -12.18
N ASN A 214 12.88 15.83 -13.04
CA ASN A 214 13.38 15.39 -14.34
C ASN A 214 14.47 14.33 -14.17
N ASP A 215 14.33 13.21 -14.91
CA ASP A 215 15.33 12.15 -14.89
C ASP A 215 15.37 11.32 -13.65
N TYR A 216 14.44 11.53 -12.71
CA TYR A 216 14.32 10.59 -11.61
C TYR A 216 14.02 9.19 -12.19
N PRO A 217 14.71 8.13 -11.72
CA PRO A 217 14.50 6.80 -12.30
C PRO A 217 13.17 6.16 -11.74
N LEU A 218 12.12 6.14 -12.55
CA LEU A 218 10.86 5.56 -12.16
C LEU A 218 11.05 4.02 -12.13
N PRO A 219 10.25 3.31 -11.34
CA PRO A 219 10.47 1.86 -11.21
C PRO A 219 10.34 1.12 -12.56
N ASP A 220 9.48 1.65 -13.46
CA ASP A 220 9.27 1.03 -14.79
C ASP A 220 10.36 1.28 -15.78
N GLY A 221 11.41 1.98 -15.39
CA GLY A 221 12.49 2.30 -16.30
C GLY A 221 12.35 3.60 -17.10
N GLU A 222 11.21 4.25 -17.00
CA GLU A 222 11.04 5.60 -17.61
C GLU A 222 11.64 6.70 -16.72
N SER A 223 11.71 7.93 -17.23
CA SER A 223 12.33 9.06 -16.49
C SER A 223 11.27 9.96 -16.02
N GLY A 224 11.54 10.50 -14.82
CA GLY A 224 10.69 11.61 -14.36
C GLY A 224 10.66 12.76 -15.38
N GLN A 225 9.53 13.52 -15.36
CA GLN A 225 9.44 14.72 -16.17
CA GLN A 225 9.44 14.72 -16.17
C GLN A 225 8.45 15.63 -15.49
N GLY A 226 8.92 16.24 -14.39
CA GLY A 226 7.91 16.80 -13.40
C GLY A 226 7.10 17.91 -13.95
N ASN A 227 5.84 17.93 -13.47
CA ASN A 227 4.93 19.02 -13.87
C ASN A 227 3.83 19.01 -12.84
N ALA A 228 3.92 19.88 -11.80
CA ALA A 228 3.06 19.70 -10.67
C ALA A 228 1.55 19.84 -11.02
N PRO A 229 1.16 20.85 -11.85
CA PRO A 229 -0.28 20.90 -12.21
C PRO A 229 -0.78 19.58 -12.84
N SER A 230 0.06 18.95 -13.65
CA SER A 230 -0.30 17.66 -14.26
CA SER A 230 -0.37 17.67 -14.23
C SER A 230 -0.39 16.51 -13.23
N CYS A 231 0.63 16.48 -12.33
CA CYS A 231 0.60 15.47 -11.28
C CYS A 231 -0.65 15.67 -10.44
N LYS A 232 -0.93 16.95 -10.07
CA LYS A 232 -2.11 17.27 -9.25
C LYS A 232 -3.37 16.74 -9.90
N GLU A 233 -3.49 16.91 -11.24
CA GLU A 233 -4.72 16.43 -11.92
C GLU A 233 -4.84 14.90 -11.82
N GLU A 234 -3.72 14.21 -11.88
CA GLU A 234 -3.72 12.70 -11.73
C GLU A 234 -4.24 12.35 -10.31
N VAL A 235 -3.69 13.05 -9.28
CA VAL A 235 -4.09 12.75 -7.89
C VAL A 235 -5.59 13.11 -7.73
N THR A 236 -6.03 14.25 -8.33
CA THR A 236 -7.46 14.64 -8.27
C THR A 236 -8.38 13.55 -8.78
N SER A 237 -7.96 12.82 -9.82
CA SER A 237 -8.78 11.71 -10.29
CA SER A 237 -8.79 11.72 -10.31
C SER A 237 -8.98 10.62 -9.24
N LEU A 238 -7.94 10.36 -8.43
CA LEU A 238 -8.11 9.41 -7.31
C LEU A 238 -9.01 10.00 -6.23
N MET A 239 -8.82 11.29 -5.93
CA MET A 239 -9.62 12.01 -4.92
CA MET A 239 -9.61 11.89 -4.86
C MET A 239 -11.11 11.95 -5.23
N ASN A 240 -11.42 12.32 -6.49
CA ASN A 240 -12.82 12.64 -6.82
C ASN A 240 -13.46 11.56 -7.70
N SER A 241 -12.80 11.05 -8.76
CA SER A 241 -13.41 9.98 -9.55
C SER A 241 -13.51 8.69 -8.80
N VAL A 242 -12.56 8.42 -7.94
CA VAL A 242 -12.59 7.16 -7.16
C VAL A 242 -13.29 7.41 -5.84
N HIS A 243 -12.75 8.29 -4.96
CA HIS A 243 -13.26 8.42 -3.60
C HIS A 243 -14.42 9.43 -3.45
N LYS A 244 -14.68 10.24 -4.43
CA LYS A 244 -15.79 11.20 -4.37
C LYS A 244 -15.60 12.15 -3.16
N VAL A 245 -14.33 12.56 -2.92
CA VAL A 245 -14.08 13.51 -1.82
C VAL A 245 -14.90 14.78 -2.06
N ASN A 246 -14.82 15.34 -3.26
CA ASN A 246 -15.50 16.61 -3.50
C ASN A 246 -16.98 16.52 -3.22
N GLN A 247 -17.67 15.47 -3.69
CA GLN A 247 -19.12 15.36 -3.50
C GLN A 247 -19.47 15.20 -2.04
N GLN A 248 -18.64 14.53 -1.28
CA GLN A 248 -18.89 14.36 0.16
C GLN A 248 -18.64 15.62 1.03
N ILE A 249 -17.58 16.32 0.71
CA ILE A 249 -17.11 17.37 1.60
C ILE A 249 -17.58 18.77 1.19
N GLN A 250 -17.50 19.08 -0.09
CA GLN A 250 -17.71 20.48 -0.45
C GLN A 250 -19.12 21.01 -0.13
N PRO A 251 -20.18 20.21 -0.26
CA PRO A 251 -21.51 20.79 0.07
C PRO A 251 -21.59 21.15 1.55
N LEU A 252 -20.93 20.42 2.40
CA LEU A 252 -20.95 20.62 3.83
C LEU A 252 -20.15 21.81 4.19
N LEU A 253 -18.96 21.98 3.63
CA LEU A 253 -18.19 23.21 3.90
C LEU A 253 -18.88 24.44 3.33
N ALA A 254 -19.63 24.29 2.24
CA ALA A 254 -20.29 25.49 1.68
C ALA A 254 -21.31 26.02 2.67
N LEU A 255 -21.99 25.18 3.41
CA LEU A 255 -22.99 25.60 4.37
C LEU A 255 -22.47 25.84 5.79
N ASN A 256 -21.24 25.37 6.04
CA ASN A 256 -20.65 25.45 7.40
C ASN A 256 -19.20 25.90 7.29
N PRO A 257 -18.98 27.16 6.81
CA PRO A 257 -17.61 27.53 6.45
CA PRO A 257 -17.63 27.57 6.45
C PRO A 257 -16.67 27.55 7.65
N VAL A 258 -15.43 27.14 7.35
CA VAL A 258 -14.38 27.16 8.35
C VAL A 258 -13.67 28.53 8.22
N ASN A 259 -13.45 29.18 9.39
CA ASN A 259 -12.73 30.43 9.40
C ASN A 259 -11.21 30.32 9.51
N GLU A 260 -10.72 29.29 10.22
CA GLU A 260 -9.26 29.06 10.32
CA GLU A 260 -9.29 29.05 10.35
C GLU A 260 -9.03 27.57 10.15
N TRP A 261 -8.10 27.26 9.25
CA TRP A 261 -7.68 25.85 8.99
C TRP A 261 -6.35 25.59 9.66
N TYR A 262 -6.27 24.46 10.37
CA TYR A 262 -4.97 23.96 10.92
C TYR A 262 -4.73 22.52 10.37
N SER A 263 -3.49 22.27 10.12
CA SER A 263 -3.07 20.94 9.58
CA SER A 263 -3.14 20.91 9.66
C SER A 263 -1.96 20.39 10.46
N ILE A 264 -1.94 19.07 10.61
CA ILE A 264 -0.90 18.29 11.24
C ILE A 264 -0.57 17.11 10.30
N GLY A 265 0.47 16.35 10.61
CA GLY A 265 0.90 15.21 9.78
C GLY A 265 1.97 15.66 8.85
N GLY A 266 2.06 14.93 7.72
CA GLY A 266 3.27 15.10 6.88
C GLY A 266 3.47 16.45 6.27
N ILE A 267 2.34 17.22 6.10
CA ILE A 267 2.46 18.54 5.48
C ILE A 267 3.31 19.47 6.39
N SER A 268 3.25 19.28 7.74
CA SER A 268 4.09 20.11 8.65
C SER A 268 5.57 19.86 8.39
N ASN A 269 5.93 18.60 8.12
CA ASN A 269 7.34 18.23 7.87
C ASN A 269 7.81 18.73 6.51
N LEU A 270 6.96 18.60 5.49
CA LEU A 270 7.29 19.15 4.17
C LEU A 270 7.47 20.64 4.24
N ALA A 271 6.48 21.31 4.86
CA ALA A 271 6.49 22.77 4.75
C ALA A 271 7.65 23.36 5.56
N SER A 272 8.19 22.62 6.53
CA SER A 272 9.27 23.17 7.32
CA SER A 272 9.27 23.02 7.41
C SER A 272 10.64 22.58 6.91
N SER A 273 10.65 21.84 5.77
CA SER A 273 11.91 21.30 5.25
C SER A 273 12.81 22.39 4.68
N GLN A 274 13.99 22.03 4.24
CA GLN A 274 14.91 22.97 3.60
C GLN A 274 14.49 23.30 2.17
N LEU A 275 13.53 22.54 1.63
CA LEU A 275 13.14 22.73 0.19
C LEU A 275 12.00 23.71 -0.03
N PHE A 276 11.21 23.98 1.02
CA PHE A 276 10.04 24.91 0.96
C PHE A 276 10.31 26.03 1.89
N HIS A 277 9.66 27.14 1.54
CA HIS A 277 9.92 28.38 2.27
C HIS A 277 8.62 29.10 2.59
N PHE A 278 8.23 28.96 3.85
CA PHE A 278 7.00 29.57 4.34
C PHE A 278 7.29 30.32 5.64
N GLU A 279 6.59 31.43 5.86
CA GLU A 279 6.73 32.15 7.13
CA GLU A 279 6.67 32.23 7.08
C GLU A 279 5.53 31.90 8.04
N ASN A 280 5.76 32.15 9.34
CA ASN A 280 4.67 32.13 10.34
C ASN A 280 3.99 30.76 10.45
N SER A 281 4.68 29.66 10.09
CA SER A 281 4.11 28.30 10.16
CA SER A 281 4.12 28.33 10.16
C SER A 281 2.75 28.29 9.46
N GLU A 282 2.68 28.91 8.28
CA GLU A 282 1.46 28.78 7.51
C GLU A 282 1.78 28.82 6.03
N LEU A 283 0.88 28.32 5.22
CA LEU A 283 1.07 28.25 3.77
C LEU A 283 -0.20 28.59 3.07
N THR A 284 -0.15 28.77 1.77
CA THR A 284 -1.37 28.66 0.91
C THR A 284 -1.12 27.53 -0.08
N ASN A 285 -2.21 26.92 -0.53
CA ASN A 285 -2.07 25.87 -1.55
C ASN A 285 -1.44 26.39 -2.85
N GLN A 286 -1.77 27.64 -3.27
CA GLN A 286 -1.19 28.19 -4.45
C GLN A 286 0.33 28.21 -4.36
N SER A 287 0.86 28.68 -3.22
CA SER A 287 2.31 28.80 -3.07
C SER A 287 2.94 27.39 -2.93
N LEU A 288 2.28 26.47 -2.24
CA LEU A 288 2.78 25.12 -2.09
C LEU A 288 2.92 24.48 -3.49
N LEU A 289 1.94 24.59 -4.37
CA LEU A 289 2.07 24.00 -5.72
C LEU A 289 3.12 24.67 -6.52
N GLN A 290 3.18 25.99 -6.49
CA GLN A 290 4.21 26.71 -7.25
C GLN A 290 5.63 26.32 -6.78
N GLN A 291 5.85 26.33 -5.45
CA GLN A 291 7.18 25.93 -4.94
C GLN A 291 7.51 24.50 -5.28
N GLY A 292 6.53 23.58 -5.16
CA GLY A 292 6.85 22.19 -5.56
C GLY A 292 7.23 22.09 -7.05
N ASP A 293 6.52 22.82 -7.91
CA ASP A 293 6.76 22.76 -9.35
C ASP A 293 8.14 23.32 -9.66
N ASN A 294 8.51 24.48 -9.07
CA ASN A 294 9.76 25.12 -9.44
C ASN A 294 10.97 24.56 -8.69
N GLN A 295 10.79 24.21 -7.40
CA GLN A 295 11.93 23.80 -6.61
CA GLN A 295 11.88 23.74 -6.49
C GLN A 295 12.21 22.29 -6.67
N ILE A 296 11.24 21.51 -7.19
CA ILE A 296 11.45 20.05 -7.22
C ILE A 296 11.10 19.54 -8.62
N CYS A 297 9.86 19.70 -9.09
CA CYS A 297 9.41 18.99 -10.32
C CYS A 297 10.25 19.28 -11.54
N HIS A 298 10.61 20.57 -11.72
CA HIS A 298 11.33 20.94 -12.93
CA HIS A 298 11.31 21.08 -12.88
C HIS A 298 12.85 20.97 -12.77
N GLN A 299 13.35 20.49 -11.65
CA GLN A 299 14.81 20.33 -11.46
C GLN A 299 15.35 18.98 -12.04
N GLN A 300 16.65 18.93 -12.31
CA GLN A 300 17.32 17.71 -12.77
CA GLN A 300 17.28 17.67 -12.73
CA GLN A 300 17.31 17.69 -12.76
C GLN A 300 17.55 16.90 -11.47
N TRP A 301 17.04 15.68 -11.39
CA TRP A 301 17.09 14.90 -10.18
C TRP A 301 18.49 14.74 -9.60
N ASP A 302 19.50 14.29 -10.37
CA ASP A 302 20.85 14.06 -9.80
CA ASP A 302 20.82 14.06 -9.77
C ASP A 302 21.42 15.37 -9.25
N ILE A 303 21.17 16.49 -9.93
CA ILE A 303 21.68 17.80 -9.49
CA ILE A 303 21.68 17.80 -9.48
C ILE A 303 21.00 18.18 -8.16
N LEU A 304 19.70 18.05 -8.10
CA LEU A 304 18.93 18.40 -6.90
C LEU A 304 19.26 17.51 -5.74
N ASN A 305 19.36 16.21 -5.98
CA ASN A 305 19.72 15.26 -4.93
C ASN A 305 21.13 15.52 -4.38
N GLY A 306 22.02 15.95 -5.26
CA GLY A 306 23.40 16.32 -4.81
C GLY A 306 23.36 17.59 -3.97
N GLN A 307 22.48 18.52 -4.30
CA GLN A 307 22.41 19.83 -3.56
C GLN A 307 21.80 19.61 -2.17
N TYR A 308 20.83 18.72 -2.03
CA TYR A 308 20.10 18.49 -0.81
C TYR A 308 20.15 17.03 -0.36
N PRO A 309 21.31 16.54 0.13
CA PRO A 309 21.53 15.14 0.37
C PRO A 309 20.92 14.61 1.63
N ASP A 310 20.42 15.46 2.57
CA ASP A 310 20.07 14.93 3.86
C ASP A 310 18.57 14.65 4.09
N ASP A 311 17.76 14.78 3.06
CA ASP A 311 16.33 14.74 3.33
C ASP A 311 15.76 13.55 2.59
N GLU A 312 15.39 12.49 3.34
CA GLU A 312 14.95 11.23 2.71
C GLU A 312 13.62 11.39 1.96
N TYR A 313 12.89 12.47 2.17
CA TYR A 313 11.62 12.70 1.44
C TYR A 313 11.79 13.55 0.17
N LEU A 314 12.98 14.02 -0.13
CA LEU A 314 13.21 14.85 -1.29
C LEU A 314 12.56 14.29 -2.54
N TYR A 315 12.83 12.98 -2.82
CA TYR A 315 12.37 12.50 -4.10
C TYR A 315 10.86 12.53 -4.25
N GLN A 316 10.13 12.60 -3.15
CA GLN A 316 8.66 12.61 -3.17
C GLN A 316 8.06 14.02 -3.12
N TYR A 317 8.89 15.09 -3.09
CA TYR A 317 8.24 16.40 -2.83
C TYR A 317 7.50 16.98 -3.98
N CYS A 318 7.75 16.56 -5.24
CA CYS A 318 6.94 16.99 -6.35
C CYS A 318 5.53 16.33 -6.24
N LEU A 319 5.52 15.03 -5.96
CA LEU A 319 4.26 14.30 -5.75
C LEU A 319 3.52 14.82 -4.55
N LEU A 320 4.23 15.06 -3.43
CA LEU A 320 3.48 15.36 -2.18
C LEU A 320 2.92 16.79 -2.25
N SER A 321 3.66 17.75 -2.78
CA SER A 321 3.09 19.10 -2.92
C SER A 321 1.86 19.04 -3.85
N SER A 322 1.92 18.28 -4.97
CA SER A 322 0.81 18.13 -5.88
C SER A 322 -0.39 17.46 -5.21
N TYR A 323 -0.12 16.42 -4.41
CA TYR A 323 -1.15 15.68 -3.73
C TYR A 323 -1.84 16.52 -2.62
N TYR A 324 -1.08 17.31 -1.83
CA TYR A 324 -1.73 18.18 -0.82
CA TYR A 324 -1.75 18.15 -0.84
C TYR A 324 -2.68 19.17 -1.48
N TYR A 325 -2.26 19.73 -2.63
CA TYR A 325 -3.11 20.62 -3.33
C TYR A 325 -4.35 19.91 -3.89
N ALA A 326 -4.16 18.74 -4.52
CA ALA A 326 -5.32 17.99 -4.99
C ALA A 326 -6.31 17.68 -3.87
N LEU A 327 -5.81 17.30 -2.70
CA LEU A 327 -6.67 16.95 -1.58
C LEU A 327 -7.44 18.20 -1.08
N MET A 328 -6.69 19.25 -0.77
CA MET A 328 -7.28 20.45 -0.16
C MET A 328 -8.16 21.27 -1.09
N VAL A 329 -7.62 21.52 -2.30
CA VAL A 329 -8.27 22.48 -3.22
C VAL A 329 -9.33 21.71 -4.05
N ASP A 330 -8.92 20.62 -4.73
CA ASP A 330 -9.88 19.91 -5.60
C ASP A 330 -10.78 18.96 -4.83
N GLY A 331 -10.30 18.42 -3.71
CA GLY A 331 -11.12 17.46 -2.93
C GLY A 331 -12.01 18.32 -1.99
N TYR A 332 -11.39 18.96 -0.98
CA TYR A 332 -12.19 19.72 0.05
C TYR A 332 -12.77 21.02 -0.43
N GLY A 333 -12.28 21.53 -1.57
CA GLY A 333 -12.79 22.83 -2.09
C GLY A 333 -12.25 24.04 -1.39
N ILE A 334 -11.15 23.94 -0.69
CA ILE A 334 -10.53 25.12 -0.03
C ILE A 334 -9.96 26.03 -1.10
N ASN A 335 -10.13 27.35 -0.98
CA ASN A 335 -9.56 28.26 -1.95
C ASN A 335 -8.02 28.17 -1.95
N PRO A 336 -7.38 28.28 -3.12
CA PRO A 336 -5.92 28.13 -3.17
C PRO A 336 -5.17 29.21 -2.46
N ASN A 337 -5.86 30.34 -2.17
CA ASN A 337 -5.20 31.47 -1.49
C ASN A 337 -5.57 31.54 -0.02
N GLN A 338 -6.36 30.56 0.49
CA GLN A 338 -6.71 30.56 1.91
C GLN A 338 -5.51 30.13 2.72
N THR A 339 -5.22 30.77 3.84
CA THR A 339 -4.12 30.42 4.72
C THR A 339 -4.43 29.08 5.37
N ILE A 340 -3.44 28.18 5.33
CA ILE A 340 -3.48 26.90 6.04
C ILE A 340 -2.37 26.93 7.08
N HIS A 341 -2.75 26.96 8.36
CA HIS A 341 -1.72 26.95 9.39
C HIS A 341 -1.22 25.52 9.56
N TYR A 342 0.07 25.30 9.79
CA TYR A 342 0.51 23.91 10.12
C TYR A 342 1.26 23.96 11.45
N ILE A 343 1.12 22.92 12.25
CA ILE A 343 1.77 22.96 13.55
C ILE A 343 3.26 22.53 13.35
N PRO A 344 4.19 23.27 13.95
CA PRO A 344 5.60 22.97 13.78
C PRO A 344 5.89 21.52 14.22
N PRO A 345 6.71 20.76 13.43
CA PRO A 345 6.96 19.32 13.80
C PRO A 345 7.63 19.18 15.16
N GLU A 346 8.43 20.17 15.52
CA GLU A 346 9.19 20.10 16.81
C GLU A 346 8.30 20.09 18.06
N GLN A 347 7.02 20.48 17.91
CA GLN A 347 6.08 20.41 19.01
C GLN A 347 5.62 19.01 19.36
N ASN A 348 5.84 18.05 18.46
CA ASN A 348 5.46 16.67 18.62
CA ASN A 348 5.44 16.66 18.69
C ASN A 348 3.95 16.56 19.01
N LEU A 349 3.14 17.36 18.33
CA LEU A 349 1.71 17.29 18.53
CA LEU A 349 1.72 17.31 18.53
C LEU A 349 1.07 16.26 17.63
N ASP A 350 0.35 15.33 18.23
CA ASP A 350 -0.47 14.37 17.43
C ASP A 350 -1.80 14.21 18.17
N TRP A 351 -2.66 13.39 17.66
CA TRP A 351 -4.01 13.26 18.21
C TRP A 351 -4.03 12.69 19.63
N THR A 352 -2.90 12.15 20.13
CA THR A 352 -2.93 11.55 21.46
C THR A 352 -3.30 12.54 22.60
N ILE A 353 -3.08 13.85 22.43
CA ILE A 353 -3.60 14.80 23.44
CA ILE A 353 -3.62 14.81 23.43
C ILE A 353 -5.13 14.64 23.55
N GLY A 354 -5.81 14.36 22.41
CA GLY A 354 -7.25 14.17 22.49
C GLY A 354 -7.67 13.01 23.37
N VAL A 355 -6.85 11.95 23.45
CA VAL A 355 -7.16 10.81 24.32
C VAL A 355 -7.06 11.23 25.79
N VAL A 356 -6.07 12.09 26.10
CA VAL A 356 -5.98 12.57 27.48
C VAL A 356 -7.33 13.20 27.85
N LEU A 357 -7.85 14.10 26.98
CA LEU A 357 -9.04 14.89 27.27
C LEU A 357 -10.31 14.11 27.28
N HIS A 358 -10.40 13.07 26.42
CA HIS A 358 -11.68 12.40 26.11
C HIS A 358 -11.36 10.91 25.95
N ARG A 359 -11.79 10.09 26.90
CA ARG A 359 -11.45 8.65 26.85
C ARG A 359 -12.37 7.80 25.98
N ALA A 360 -13.62 8.20 25.78
CA ALA A 360 -14.57 7.33 25.10
C ALA A 360 -14.20 7.21 23.60
N LEU A 361 -14.52 6.03 23.05
CA LEU A 361 -14.35 5.66 21.62
C LEU A 361 -15.70 5.25 21.12
N GLU A 362 -15.88 5.34 19.80
CA GLU A 362 -17.11 4.87 19.12
C GLU A 362 -17.36 3.40 19.46
N HIS A 363 -18.63 2.98 19.61
CA HIS A 363 -19.00 1.63 20.14
C HIS A 363 -19.52 0.67 19.05
N ASN B 4 20.15 -37.62 -5.92
CA ASN B 4 20.36 -36.17 -6.34
C ASN B 4 20.32 -35.97 -7.88
N PRO B 5 19.21 -35.45 -8.38
CA PRO B 5 19.11 -35.20 -9.83
C PRO B 5 20.18 -34.21 -10.35
N CYS B 6 20.75 -33.40 -9.48
CA CYS B 6 21.70 -32.36 -9.95
C CYS B 6 23.09 -32.92 -10.24
N GLU B 7 23.28 -34.22 -10.01
CA GLU B 7 24.49 -34.89 -10.40
C GLU B 7 24.45 -35.31 -11.87
N LYS B 8 23.25 -35.40 -12.46
CA LYS B 8 23.05 -35.80 -13.88
C LYS B 8 22.43 -34.74 -14.75
N HIS B 9 21.94 -33.65 -14.16
CA HIS B 9 21.24 -32.59 -14.89
C HIS B 9 21.70 -31.26 -14.34
N SER B 10 21.62 -30.19 -15.13
CA SER B 10 21.81 -28.84 -14.58
C SER B 10 20.69 -28.50 -13.60
N CYS B 11 21.07 -27.85 -12.49
CA CYS B 11 20.09 -27.34 -11.53
C CYS B 11 20.41 -25.90 -11.19
N ILE B 12 19.34 -25.10 -11.09
CA ILE B 12 19.43 -23.79 -10.47
C ILE B 12 18.25 -23.62 -9.50
N ALA B 13 18.44 -22.70 -8.52
CA ALA B 13 17.36 -22.27 -7.62
C ALA B 13 16.95 -20.87 -8.04
N VAL B 14 15.62 -20.65 -8.16
CA VAL B 14 15.10 -19.31 -8.45
C VAL B 14 14.08 -19.01 -7.37
N ILE B 15 14.23 -17.82 -6.77
CA ILE B 15 13.22 -17.38 -5.80
C ILE B 15 12.39 -16.23 -6.37
N ASP B 16 11.07 -16.47 -6.38
CA ASP B 16 10.09 -15.42 -6.69
C ASP B 16 9.88 -14.66 -5.37
N ALA B 17 10.51 -13.50 -5.24
CA ALA B 17 10.33 -12.73 -4.01
C ALA B 17 9.21 -11.77 -4.30
N GLY B 18 7.98 -12.28 -4.19
CA GLY B 18 6.78 -11.58 -4.54
C GLY B 18 6.26 -10.71 -3.45
N SER B 19 5.21 -9.97 -3.78
CA SER B 19 4.76 -8.96 -2.82
C SER B 19 4.11 -9.55 -1.60
N THR B 20 3.49 -10.75 -1.69
CA THR B 20 2.81 -11.39 -0.51
C THR B 20 3.61 -12.57 0.04
N GLY B 21 4.72 -12.97 -0.57
CA GLY B 21 5.47 -14.09 -0.08
C GLY B 21 6.59 -14.38 -1.03
N SER B 22 7.50 -15.26 -0.55
CA SER B 22 8.58 -15.72 -1.42
C SER B 22 8.40 -17.18 -1.71
N ARG B 23 8.73 -17.61 -2.94
CA ARG B 23 8.67 -19.06 -3.35
C ARG B 23 10.02 -19.45 -3.92
N LEU B 24 10.63 -20.40 -3.22
CA LEU B 24 11.83 -21.03 -3.72
C LEU B 24 11.47 -22.20 -4.65
N HIS B 25 12.11 -22.25 -5.83
CA HIS B 25 11.97 -23.38 -6.69
C HIS B 25 13.39 -23.85 -6.99
N ILE B 26 13.60 -25.19 -6.95
CA ILE B 26 14.79 -25.72 -7.51
C ILE B 26 14.38 -26.47 -8.77
N TYR B 27 15.01 -26.09 -9.88
CA TYR B 27 14.69 -26.72 -11.19
C TYR B 27 15.89 -27.53 -11.68
N SER B 28 15.59 -28.72 -12.21
CA SER B 28 16.58 -29.47 -12.98
C SER B 28 16.19 -29.34 -14.45
N TYR B 29 17.20 -29.42 -15.30
CA TYR B 29 16.89 -29.38 -16.74
C TYR B 29 18.08 -29.92 -17.50
N ASP B 30 17.82 -30.29 -18.79
CA ASP B 30 18.86 -30.59 -19.76
C ASP B 30 18.95 -29.42 -20.72
N THR B 31 19.88 -29.49 -21.69
CA THR B 31 19.90 -28.47 -22.70
C THR B 31 19.96 -29.04 -24.10
N ASP B 32 19.47 -28.27 -25.07
CA ASP B 32 19.48 -28.69 -26.43
C ASP B 32 20.80 -28.24 -27.06
N ASP B 33 20.92 -28.39 -28.37
N ASP B 33 20.87 -28.38 -28.38
CA ASP B 33 22.19 -28.09 -29.02
CA ASP B 33 22.09 -28.09 -29.17
C ASP B 33 22.69 -26.66 -28.95
C ASP B 33 22.55 -26.63 -29.27
N THR B 34 21.78 -25.73 -28.65
CA THR B 34 22.14 -24.31 -28.49
C THR B 34 22.28 -23.93 -27.02
N ASN B 35 22.31 -24.92 -26.13
CA ASN B 35 22.45 -24.72 -24.69
C ASN B 35 21.18 -24.07 -24.12
N THR B 36 20.02 -24.25 -24.79
CA THR B 36 18.72 -23.77 -24.26
C THR B 36 18.10 -24.85 -23.43
N PRO B 37 17.61 -24.51 -22.21
CA PRO B 37 16.99 -25.54 -21.39
C PRO B 37 15.82 -26.26 -22.04
N ILE B 38 15.74 -27.53 -21.71
CA ILE B 38 14.60 -28.41 -22.07
C ILE B 38 14.42 -29.35 -20.87
N HIS B 39 13.28 -30.03 -20.83
CA HIS B 39 13.01 -30.99 -19.77
C HIS B 39 13.09 -30.31 -18.37
N ILE B 40 12.55 -29.09 -18.28
CA ILE B 40 12.62 -28.40 -16.99
C ILE B 40 11.64 -29.04 -16.00
N GLU B 41 12.15 -29.44 -14.80
CA GLU B 41 11.34 -30.11 -13.76
CA GLU B 41 11.35 -30.10 -13.76
C GLU B 41 11.57 -29.42 -12.41
N GLU B 42 10.49 -29.14 -11.72
CA GLU B 42 10.65 -28.56 -10.37
C GLU B 42 10.90 -29.75 -9.43
N ILE B 43 12.05 -29.73 -8.73
CA ILE B 43 12.37 -30.83 -7.82
C ILE B 43 12.28 -30.46 -6.35
N TRP B 44 12.07 -29.16 -6.08
CA TRP B 44 11.80 -28.70 -4.73
C TRP B 44 11.03 -27.40 -4.81
N ASN B 45 10.14 -27.20 -3.84
CA ASN B 45 9.40 -25.95 -3.76
C ASN B 45 9.29 -25.65 -2.25
N LYS B 46 9.43 -24.38 -1.84
CA LYS B 46 9.07 -23.98 -0.47
C LYS B 46 8.59 -22.54 -0.57
N LYS B 47 7.57 -22.23 0.21
CA LYS B 47 7.01 -20.91 0.18
C LYS B 47 7.02 -20.37 1.60
N ILE B 48 7.12 -19.05 1.70
CA ILE B 48 7.13 -18.36 3.01
CA ILE B 48 6.86 -18.47 3.01
C ILE B 48 6.25 -17.09 2.82
N LYS B 49 5.64 -16.65 3.92
CA LYS B 49 5.00 -15.35 3.97
C LYS B 49 5.62 -14.61 5.14
N PRO B 50 5.55 -13.28 5.14
CA PRO B 50 4.96 -12.35 4.18
C PRO B 50 5.96 -12.01 3.08
N GLY B 51 5.73 -10.98 2.33
CA GLY B 51 6.66 -10.54 1.29
C GLY B 51 7.96 -10.02 1.85
N PHE B 52 9.07 -10.32 1.21
CA PHE B 52 10.39 -9.87 1.65
C PHE B 52 10.45 -8.36 1.80
N ALA B 53 9.87 -7.61 0.87
CA ALA B 53 9.91 -6.13 0.93
C ALA B 53 8.98 -5.55 1.98
N SER B 54 8.30 -6.39 2.73
CA SER B 54 7.40 -5.92 3.81
C SER B 54 8.08 -6.02 5.17
N ILE B 55 9.15 -6.82 5.29
CA ILE B 55 9.71 -7.05 6.64
C ILE B 55 10.80 -6.01 6.96
N GLN B 56 11.15 -5.89 8.25
CA GLN B 56 12.12 -4.89 8.63
C GLN B 56 13.50 -5.28 8.03
N PRO B 57 14.18 -4.35 7.35
CA PRO B 57 15.45 -4.70 6.68
C PRO B 57 16.67 -4.67 7.61
N ASN B 58 16.62 -5.44 8.67
CA ASN B 58 17.73 -5.55 9.63
CA ASN B 58 17.76 -5.53 9.58
C ASN B 58 18.27 -6.97 9.62
N SER B 59 19.49 -7.17 10.08
CA SER B 59 20.10 -8.50 9.94
CA SER B 59 20.14 -8.48 10.00
CA SER B 59 20.11 -8.48 9.98
C SER B 59 19.32 -9.57 10.69
N VAL B 60 18.76 -9.26 11.88
CA VAL B 60 18.09 -10.30 12.63
CA VAL B 60 18.07 -10.31 12.62
C VAL B 60 16.87 -10.84 11.82
N THR B 61 16.08 -9.91 11.30
CA THR B 61 14.85 -10.37 10.65
CA THR B 61 14.85 -10.23 10.63
C THR B 61 15.13 -10.93 9.26
N ILE B 62 16.09 -10.37 8.51
CA ILE B 62 16.40 -10.93 7.18
C ILE B 62 17.00 -12.32 7.37
N ASP B 63 17.82 -12.54 8.39
CA ASP B 63 18.48 -13.78 8.54
CA ASP B 63 18.46 -13.87 8.69
C ASP B 63 17.38 -14.85 8.92
N ALA B 64 16.43 -14.48 9.82
CA ALA B 64 15.36 -15.44 10.16
C ALA B 64 14.52 -15.82 8.91
N TYR B 65 14.22 -14.82 8.08
CA TYR B 65 13.41 -15.06 6.89
C TYR B 65 14.16 -15.98 5.89
N LEU B 66 15.39 -15.65 5.56
CA LEU B 66 16.17 -16.49 4.60
C LEU B 66 16.39 -17.87 5.17
N THR B 67 16.62 -17.98 6.48
CA THR B 67 16.87 -19.30 7.04
C THR B 67 15.61 -20.18 6.88
N MET B 68 14.43 -19.60 7.16
CA MET B 68 13.18 -20.34 7.05
C MET B 68 12.91 -20.73 5.60
N LEU B 69 13.17 -19.83 4.66
CA LEU B 69 12.88 -20.14 3.25
C LEU B 69 13.75 -21.31 2.73
N LEU B 70 15.03 -21.30 3.15
CA LEU B 70 16.04 -22.16 2.51
C LEU B 70 16.41 -23.40 3.33
N ALA B 71 15.81 -23.57 4.49
CA ALA B 71 15.87 -24.83 5.27
C ALA B 71 15.09 -26.02 4.68
N ASP B 72 15.49 -27.15 5.17
CA ASP B 72 14.91 -28.44 4.80
C ASP B 72 15.13 -28.73 3.36
N ALA B 73 15.82 -27.87 2.59
CA ALA B 73 15.96 -28.17 1.14
C ALA B 73 16.79 -29.44 0.97
N PRO B 74 16.33 -30.34 0.09
CA PRO B 74 16.97 -31.65 0.02
C PRO B 74 18.27 -31.61 -0.79
N ILE B 75 18.51 -30.52 -1.49
CA ILE B 75 19.65 -30.37 -2.41
C ILE B 75 20.45 -29.12 -2.05
N HIS B 76 21.78 -29.28 -1.97
CA HIS B 76 22.67 -28.13 -1.76
C HIS B 76 23.73 -27.94 -2.83
N ASN B 77 24.47 -26.88 -2.66
CA ASN B 77 25.51 -26.51 -3.54
C ASN B 77 24.95 -26.20 -4.89
N ILE B 78 23.91 -25.39 -4.95
CA ILE B 78 23.45 -24.99 -6.27
C ILE B 78 23.31 -23.51 -6.34
N PRO B 79 23.39 -22.97 -7.55
CA PRO B 79 23.33 -21.51 -7.76
C PRO B 79 21.93 -20.91 -7.50
N VAL B 80 21.90 -19.73 -6.85
CA VAL B 80 20.62 -19.08 -6.50
C VAL B 80 20.45 -17.76 -7.22
N TYR B 81 19.25 -17.59 -7.80
CA TYR B 81 18.84 -16.29 -8.41
C TYR B 81 17.63 -15.82 -7.60
N PHE B 82 17.84 -14.73 -6.84
CA PHE B 82 16.76 -14.17 -6.01
C PHE B 82 16.20 -12.89 -6.69
N TYR B 83 14.99 -12.97 -7.21
CA TYR B 83 14.48 -11.82 -8.01
C TYR B 83 13.21 -11.35 -7.40
N ALA B 84 13.23 -10.07 -7.00
CA ALA B 84 12.11 -9.44 -6.35
C ALA B 84 11.25 -8.67 -7.35
N THR B 85 9.94 -8.59 -7.05
CA THR B 85 8.97 -8.00 -7.96
C THR B 85 8.36 -6.71 -7.42
N ALA B 86 7.06 -6.47 -7.60
CA ALA B 86 6.50 -5.17 -7.41
C ALA B 86 6.52 -4.73 -5.93
N GLY B 87 6.48 -5.63 -4.94
CA GLY B 87 6.57 -5.18 -3.55
C GLY B 87 7.89 -4.37 -3.38
N MET B 88 8.97 -4.83 -3.92
CA MET B 88 10.24 -4.14 -3.85
CA MET B 88 10.24 -4.09 -3.83
C MET B 88 10.23 -2.82 -4.68
N ARG B 89 9.56 -2.89 -5.86
CA ARG B 89 9.46 -1.72 -6.73
C ARG B 89 8.70 -0.55 -6.08
N LEU B 90 7.91 -0.80 -5.04
CA LEU B 90 7.28 0.32 -4.33
C LEU B 90 8.30 1.18 -3.57
N LEU B 91 9.50 0.65 -3.31
CA LEU B 91 10.46 1.29 -2.42
C LEU B 91 11.53 2.00 -3.24
N PRO B 92 12.05 3.13 -2.74
CA PRO B 92 13.16 3.80 -3.44
C PRO B 92 14.42 2.95 -3.42
N GLN B 93 15.29 3.23 -4.37
CA GLN B 93 16.48 2.41 -4.51
C GLN B 93 17.28 2.33 -3.19
N SER B 94 17.43 3.45 -2.49
CA SER B 94 18.22 3.44 -1.24
C SER B 94 17.65 2.47 -0.16
N GLN B 95 16.32 2.28 -0.14
CA GLN B 95 15.72 1.33 0.79
CA GLN B 95 15.69 1.35 0.80
C GLN B 95 15.91 -0.10 0.30
N GLN B 96 15.73 -0.29 -1.01
CA GLN B 96 16.01 -1.62 -1.57
C GLN B 96 17.45 -2.02 -1.23
N LYS B 97 18.38 -1.08 -1.31
CA LYS B 97 19.78 -1.44 -1.11
C LYS B 97 20.01 -2.04 0.28
N LYS B 98 19.28 -1.54 1.32
CA LYS B 98 19.44 -2.06 2.65
C LYS B 98 19.06 -3.53 2.68
N TYR B 99 18.01 -3.91 1.96
CA TYR B 99 17.61 -5.35 1.89
C TYR B 99 18.67 -6.17 1.24
N TYR B 100 19.15 -5.73 0.06
CA TYR B 100 20.13 -6.55 -0.68
C TYR B 100 21.47 -6.59 0.03
N ASP B 101 21.90 -5.53 0.71
CA ASP B 101 23.22 -5.58 1.40
C ASP B 101 23.10 -6.67 2.49
N GLU B 102 21.99 -6.71 3.22
CA GLU B 102 21.83 -7.71 4.30
C GLU B 102 21.69 -9.12 3.73
N LEU B 103 20.92 -9.26 2.64
CA LEU B 103 20.77 -10.58 1.97
C LEU B 103 22.14 -11.03 1.47
N ASP B 104 22.94 -10.18 0.83
CA ASP B 104 24.24 -10.60 0.33
C ASP B 104 25.11 -11.09 1.43
N TYR B 105 25.09 -10.39 2.57
CA TYR B 105 25.88 -10.76 3.77
C TYR B 105 25.43 -12.14 4.25
N TRP B 106 24.11 -12.40 4.38
CA TRP B 106 23.67 -13.72 4.79
C TRP B 106 24.21 -14.81 3.90
N PHE B 107 24.14 -14.60 2.60
CA PHE B 107 24.64 -15.66 1.69
C PHE B 107 26.12 -15.85 1.83
N ARG B 108 26.88 -14.76 2.00
CA ARG B 108 28.35 -14.89 2.07
C ARG B 108 28.76 -15.62 3.37
N GLN B 109 27.91 -15.52 4.41
CA GLN B 109 28.13 -16.19 5.67
C GLN B 109 27.81 -17.68 5.76
N GLN B 110 27.40 -18.30 4.64
CA GLN B 110 27.12 -19.73 4.67
C GLN B 110 27.72 -20.39 3.42
N SER B 111 27.58 -21.71 3.40
CA SER B 111 28.24 -22.53 2.41
C SER B 111 27.34 -23.56 1.71
N GLN B 112 26.02 -23.56 1.99
CA GLN B 112 25.10 -24.54 1.34
C GLN B 112 24.60 -24.04 -0.03
N TRP B 113 24.47 -22.73 -0.23
CA TRP B 113 23.90 -22.11 -1.44
C TRP B 113 24.93 -21.19 -2.08
N GLN B 114 24.95 -21.09 -3.41
CA GLN B 114 25.82 -20.14 -4.10
C GLN B 114 24.99 -19.01 -4.70
N LEU B 115 24.99 -17.87 -4.05
CA LEU B 115 24.23 -16.74 -4.60
C LEU B 115 24.88 -16.23 -5.87
N VAL B 116 24.11 -16.16 -6.96
CA VAL B 116 24.58 -15.62 -8.23
C VAL B 116 24.07 -14.18 -8.43
N GLU B 117 22.78 -13.93 -8.21
CA GLU B 117 22.22 -12.61 -8.41
CA GLU B 117 22.12 -12.65 -8.52
C GLU B 117 21.10 -12.43 -7.40
N ALA B 118 20.98 -11.21 -6.79
CA ALA B 118 19.78 -10.90 -5.99
C ALA B 118 19.47 -9.44 -6.37
N LYS B 119 18.33 -9.24 -7.03
CA LYS B 119 18.01 -7.91 -7.54
C LYS B 119 16.53 -7.80 -7.77
N THR B 120 16.04 -6.55 -7.93
CA THR B 120 14.68 -6.26 -8.30
C THR B 120 14.60 -6.30 -9.81
N ILE B 121 13.67 -7.10 -10.31
CA ILE B 121 13.49 -7.16 -11.78
C ILE B 121 12.44 -6.10 -12.18
N THR B 122 12.43 -5.66 -13.43
CA THR B 122 11.42 -4.66 -13.78
C THR B 122 10.10 -5.33 -14.07
N GLY B 123 9.02 -4.56 -14.16
CA GLY B 123 7.76 -5.16 -14.49
C GLY B 123 7.76 -5.70 -15.92
N ASN B 124 8.52 -5.08 -16.85
CA ASN B 124 8.61 -5.66 -18.22
C ASN B 124 9.36 -6.97 -18.22
N ASP B 125 10.41 -7.09 -17.42
CA ASP B 125 11.12 -8.38 -17.22
C ASP B 125 10.15 -9.45 -16.67
N GLU B 126 9.41 -9.08 -15.62
CA GLU B 126 8.46 -9.99 -15.03
C GLU B 126 7.43 -10.42 -16.09
N ALA B 127 6.87 -9.49 -16.84
CA ALA B 127 5.90 -9.82 -17.90
C ALA B 127 6.47 -10.82 -18.93
N LEU B 128 7.73 -10.59 -19.37
CA LEU B 128 8.37 -11.53 -20.35
C LEU B 128 8.45 -12.91 -19.72
N PHE B 129 8.89 -12.95 -18.47
CA PHE B 129 9.03 -14.26 -17.80
C PHE B 129 7.67 -14.90 -17.60
N ASP B 130 6.60 -14.13 -17.31
CA ASP B 130 5.24 -14.65 -17.21
C ASP B 130 4.87 -15.35 -18.53
N TRP B 131 5.13 -14.68 -19.65
CA TRP B 131 4.76 -15.26 -20.92
C TRP B 131 5.57 -16.52 -21.23
N LEU B 132 6.87 -16.46 -21.00
CA LEU B 132 7.70 -17.62 -21.23
C LEU B 132 7.24 -18.77 -20.40
N ALA B 133 6.95 -18.54 -19.09
CA ALA B 133 6.62 -19.65 -18.20
C ALA B 133 5.34 -20.40 -18.70
N VAL B 134 4.28 -19.63 -19.01
CA VAL B 134 3.03 -20.25 -19.42
C VAL B 134 3.23 -20.98 -20.79
N ASN B 135 3.93 -20.35 -21.74
CA ASN B 135 4.06 -20.97 -23.05
C ASN B 135 4.99 -22.15 -22.93
N TYR B 136 5.97 -22.14 -22.00
CA TYR B 136 6.76 -23.39 -21.85
C TYR B 136 5.88 -24.56 -21.42
N LYS B 137 4.97 -24.33 -20.49
CA LYS B 137 4.06 -25.34 -19.99
C LYS B 137 3.11 -25.79 -21.09
N LEU B 138 2.73 -24.87 -22.01
CA LEU B 138 1.84 -25.14 -23.12
C LEU B 138 2.52 -25.85 -24.31
N ASP B 139 3.85 -25.94 -24.24
CA ASP B 139 4.64 -26.59 -25.34
C ASP B 139 4.54 -25.74 -26.61
N THR B 140 4.44 -24.41 -26.50
CA THR B 140 4.28 -23.55 -27.69
C THR B 140 5.57 -22.78 -28.10
N LEU B 141 6.67 -23.03 -27.41
CA LEU B 141 7.90 -22.30 -27.72
C LEU B 141 8.80 -22.85 -28.80
N LYS B 142 8.76 -24.17 -29.07
CA LYS B 142 9.76 -24.78 -29.95
C LYS B 142 9.40 -24.58 -31.38
N SER B 143 8.11 -24.41 -31.67
CA SER B 143 7.71 -24.19 -33.07
C SER B 143 6.91 -22.88 -33.24
N VAL B 144 6.98 -22.31 -34.44
CA VAL B 144 6.20 -21.11 -34.82
C VAL B 144 4.69 -21.35 -34.78
N GLN B 145 4.00 -20.63 -33.89
CA GLN B 145 2.55 -20.81 -33.63
C GLN B 145 1.65 -20.02 -34.57
N ASN B 146 0.52 -20.64 -34.94
CA ASN B 146 -0.44 -19.96 -35.77
C ASN B 146 -1.58 -19.33 -35.01
N LYS B 147 -1.47 -19.30 -33.70
CA LYS B 147 -2.45 -18.62 -32.82
C LYS B 147 -1.69 -17.78 -31.84
N SER B 148 -2.32 -16.68 -31.49
CA SER B 148 -1.78 -15.74 -30.52
CA SER B 148 -1.73 -15.78 -30.52
CA SER B 148 -1.74 -15.78 -30.51
C SER B 148 -2.17 -16.15 -29.09
N VAL B 149 -1.17 -16.33 -28.22
CA VAL B 149 -1.40 -16.66 -26.80
C VAL B 149 -1.09 -15.43 -25.96
N GLY B 150 -2.05 -14.98 -25.21
CA GLY B 150 -1.85 -13.83 -24.27
C GLY B 150 -1.73 -14.37 -22.88
N VAL B 151 -0.96 -13.67 -22.04
CA VAL B 151 -0.83 -14.06 -20.64
C VAL B 151 -1.08 -12.82 -19.73
N MET B 152 -1.79 -13.12 -18.65
CA MET B 152 -2.01 -12.13 -17.60
C MET B 152 -1.53 -12.70 -16.29
N ASP B 153 -0.80 -11.91 -15.48
CA ASP B 153 -0.39 -12.33 -14.11
C ASP B 153 -1.05 -11.35 -13.13
N MET B 154 -1.95 -11.89 -12.33
CA MET B 154 -2.71 -11.14 -11.34
CA MET B 154 -2.68 -11.10 -11.35
C MET B 154 -1.96 -11.15 -9.99
N GLY B 155 -0.99 -10.25 -9.82
CA GLY B 155 -0.22 -10.25 -8.60
C GLY B 155 -0.84 -9.34 -7.53
N GLY B 156 -0.15 -9.18 -6.40
CA GLY B 156 -0.54 -8.39 -5.19
C GLY B 156 -0.15 -6.96 -5.32
N ALA B 157 0.96 -6.62 -5.97
CA ALA B 157 1.38 -5.26 -6.12
C ALA B 157 1.40 -4.71 -7.49
N SER B 158 1.55 -5.58 -8.50
CA SER B 158 1.36 -5.24 -9.90
C SER B 158 0.59 -6.31 -10.64
N VAL B 159 0.08 -5.95 -11.79
CA VAL B 159 -0.46 -6.93 -12.73
C VAL B 159 0.31 -6.75 -14.04
N GLN B 160 0.51 -7.92 -14.74
CA GLN B 160 1.17 -7.90 -16.07
C GLN B 160 0.22 -8.40 -17.15
N ILE B 161 0.36 -7.83 -18.35
CA ILE B 161 -0.28 -8.35 -19.56
C ILE B 161 0.82 -8.43 -20.58
N VAL B 162 0.74 -9.49 -21.39
CA VAL B 162 1.76 -9.71 -22.43
C VAL B 162 1.12 -10.47 -23.59
N PHE B 163 1.36 -10.02 -24.80
CA PHE B 163 0.73 -10.73 -25.97
C PHE B 163 1.60 -10.42 -27.18
N PRO B 164 1.49 -11.28 -28.22
CA PRO B 164 2.27 -11.02 -29.43
C PRO B 164 1.77 -9.75 -30.15
N MET B 165 2.73 -9.02 -30.68
CA MET B 165 2.48 -7.78 -31.38
C MET B 165 3.68 -7.51 -32.27
N PRO B 166 3.47 -7.43 -33.62
CA PRO B 166 4.59 -7.13 -34.48
C PRO B 166 5.27 -5.81 -34.06
N LYS B 167 6.59 -5.66 -34.24
CA LYS B 167 7.22 -4.34 -33.87
C LYS B 167 6.49 -3.13 -34.46
N ASN B 168 6.23 -2.13 -33.61
CA ASN B 168 5.58 -0.87 -33.94
C ASN B 168 6.57 0.24 -33.57
N ALA B 169 6.96 1.10 -34.53
CA ALA B 169 7.81 2.23 -34.25
C ALA B 169 7.09 3.31 -33.40
N GLU B 170 5.77 3.24 -33.29
CA GLU B 170 5.02 4.23 -32.48
C GLU B 170 4.90 3.96 -30.94
N ILE B 171 5.38 2.79 -30.45
CA ILE B 171 5.27 2.37 -29.03
C ILE B 171 6.64 2.44 -28.33
N SER B 172 6.67 2.87 -27.07
CA SER B 172 7.90 2.75 -26.25
C SER B 172 8.58 1.39 -26.47
N LYS B 173 9.88 1.37 -26.70
CA LYS B 173 10.63 0.12 -26.80
C LYS B 173 10.70 -0.51 -25.39
N HIS B 174 10.38 0.28 -24.35
CA HIS B 174 10.28 -0.29 -23.00
C HIS B 174 9.10 -1.28 -22.99
N ASN B 175 8.05 -1.05 -23.78
CA ASN B 175 6.91 -2.03 -23.84
C ASN B 175 6.92 -3.04 -24.98
N GLN B 176 8.06 -3.19 -25.64
CA GLN B 176 8.16 -4.19 -26.71
C GLN B 176 9.39 -5.03 -26.51
N VAL B 177 9.28 -6.33 -26.71
CA VAL B 177 10.47 -7.18 -26.54
C VAL B 177 10.54 -8.12 -27.73
N GLU B 178 11.70 -8.21 -28.34
CA GLU B 178 11.86 -9.24 -29.35
CA GLU B 178 11.94 -9.19 -29.39
C GLU B 178 12.56 -10.44 -28.73
N LEU B 179 11.79 -11.52 -28.60
CA LEU B 179 12.27 -12.68 -27.89
C LEU B 179 12.80 -13.72 -28.89
N ASN B 180 14.06 -14.11 -28.74
CA ASN B 180 14.56 -15.26 -29.47
C ASN B 180 14.63 -16.52 -28.58
N ILE B 181 13.99 -17.61 -28.97
CA ILE B 181 13.87 -18.82 -28.11
C ILE B 181 13.73 -20.00 -29.02
N TYR B 182 14.52 -21.05 -28.78
CA TYR B 182 14.51 -22.26 -29.61
C TYR B 182 14.60 -21.92 -31.08
N GLY B 183 15.42 -20.92 -31.41
CA GLY B 183 15.62 -20.57 -32.80
C GLY B 183 14.52 -19.75 -33.49
N GLN B 184 13.42 -19.41 -32.78
CA GLN B 184 12.41 -18.51 -33.38
C GLN B 184 12.41 -17.14 -32.72
N ASN B 185 12.02 -16.13 -33.50
CA ASN B 185 11.88 -14.78 -32.96
CA ASN B 185 11.88 -14.74 -33.07
C ASN B 185 10.40 -14.45 -32.79
N ILE B 186 10.08 -13.95 -31.60
CA ILE B 186 8.70 -13.65 -31.23
C ILE B 186 8.73 -12.21 -30.72
N ASN B 187 7.85 -11.37 -31.26
CA ASN B 187 7.72 -9.97 -30.85
C ASN B 187 6.54 -9.86 -29.92
N LEU B 188 6.77 -9.35 -28.72
CA LEU B 188 5.71 -9.27 -27.70
C LEU B 188 5.55 -7.85 -27.25
N TYR B 189 4.29 -7.47 -27.00
CA TYR B 189 4.00 -6.27 -26.16
C TYR B 189 3.97 -6.73 -24.70
N VAL B 190 4.61 -5.93 -23.84
CA VAL B 190 4.63 -6.17 -22.36
C VAL B 190 4.19 -4.94 -21.63
N HIS B 191 3.43 -5.15 -20.57
CA HIS B 191 3.14 -3.98 -19.71
C HIS B 191 2.88 -4.51 -18.32
N SER B 192 3.39 -3.79 -17.31
CA SER B 192 3.09 -4.04 -15.93
C SER B 192 2.50 -2.77 -15.31
N PHE B 193 1.44 -2.94 -14.49
CA PHE B 193 0.78 -1.80 -13.86
C PHE B 193 1.02 -1.84 -12.37
N LEU B 194 1.94 -0.98 -11.91
CA LEU B 194 2.34 -0.93 -10.51
C LEU B 194 1.20 -0.25 -9.73
N GLY B 195 0.84 -0.83 -8.56
CA GLY B 195 -0.27 -0.26 -7.76
C GLY B 195 -1.60 -0.93 -8.10
N LEU B 196 -1.75 -1.61 -9.26
CA LEU B 196 -2.99 -2.28 -9.61
C LEU B 196 -3.06 -3.73 -9.20
N GLY B 197 -1.98 -4.27 -8.59
CA GLY B 197 -2.12 -5.56 -7.91
C GLY B 197 -3.18 -5.59 -6.80
N GLN B 198 -3.64 -6.76 -6.44
CA GLN B 198 -4.80 -6.99 -5.52
CA GLN B 198 -4.88 -6.82 -5.69
C GLN B 198 -4.67 -6.21 -4.23
N THR B 199 -3.52 -6.34 -3.58
CA THR B 199 -3.35 -5.80 -2.19
C THR B 199 -3.36 -4.32 -2.36
N GLU B 200 -2.55 -3.74 -3.24
CA GLU B 200 -2.53 -2.29 -3.34
C GLU B 200 -3.86 -1.69 -3.74
N MET B 201 -4.50 -2.24 -4.77
CA MET B 201 -5.83 -1.84 -5.24
CA MET B 201 -5.72 -1.61 -5.16
C MET B 201 -6.79 -1.78 -4.06
N SER B 202 -6.78 -2.91 -3.30
CA SER B 202 -7.81 -3.13 -2.32
C SER B 202 -7.80 -1.98 -1.28
N HIS B 203 -6.64 -1.39 -1.02
CA HIS B 203 -6.54 -0.33 0.01
C HIS B 203 -7.29 0.93 -0.38
N GLN B 204 -7.83 1.01 -1.61
CA GLN B 204 -8.66 2.15 -2.02
C GLN B 204 -10.14 1.87 -1.86
N PHE B 205 -10.56 0.60 -1.54
CA PHE B 205 -11.96 0.23 -1.51
C PHE B 205 -12.47 -0.45 -0.27
N LEU B 206 -11.72 -0.35 0.84
CA LEU B 206 -12.11 -1.14 2.01
C LEU B 206 -13.37 -0.55 2.68
N ASN B 207 -13.69 0.73 2.40
CA ASN B 207 -14.90 1.33 2.93
C ASN B 207 -15.97 1.53 1.87
N SER B 208 -15.90 0.74 0.77
CA SER B 208 -16.97 0.71 -0.21
C SER B 208 -17.99 -0.39 0.10
N PRO B 209 -19.22 -0.01 0.54
CA PRO B 209 -20.21 -1.07 0.89
C PRO B 209 -20.54 -1.97 -0.29
N SER B 210 -20.45 -1.49 -1.54
CA SER B 210 -20.78 -2.36 -2.68
CA SER B 210 -20.82 -2.38 -2.64
C SER B 210 -19.79 -3.50 -2.84
N CYS B 211 -18.59 -3.38 -2.27
CA CYS B 211 -17.53 -4.36 -2.47
C CYS B 211 -17.46 -5.45 -1.42
N PHE B 212 -18.39 -5.49 -0.47
CA PHE B 212 -18.41 -6.50 0.63
C PHE B 212 -19.77 -7.07 0.84
N ALA B 213 -19.82 -8.32 1.39
CA ALA B 213 -21.10 -8.94 1.66
C ALA B 213 -21.97 -8.05 2.57
N ASN B 214 -23.28 -8.27 2.48
CA ASN B 214 -24.24 -7.56 3.37
C ASN B 214 -23.84 -7.73 4.83
N ASP B 215 -23.74 -6.61 5.52
CA ASP B 215 -23.45 -6.56 6.96
C ASP B 215 -22.01 -6.89 7.31
N TYR B 216 -21.11 -7.01 6.32
CA TYR B 216 -19.70 -7.17 6.66
C TYR B 216 -19.28 -5.86 7.37
N PRO B 217 -18.49 -5.95 8.46
CA PRO B 217 -18.13 -4.72 9.21
C PRO B 217 -16.96 -3.99 8.52
N LEU B 218 -17.28 -2.90 7.85
CA LEU B 218 -16.26 -2.13 7.18
C LEU B 218 -15.44 -1.40 8.23
N PRO B 219 -14.19 -1.05 7.92
CA PRO B 219 -13.38 -0.39 8.97
C PRO B 219 -13.98 0.92 9.52
N ASP B 220 -14.73 1.62 8.65
CA ASP B 220 -15.30 2.94 9.07
C ASP B 220 -16.55 2.80 9.90
N GLY B 221 -16.96 1.57 10.22
CA GLY B 221 -18.20 1.41 10.98
C GLY B 221 -19.50 1.25 10.19
N GLU B 222 -19.44 1.45 8.88
CA GLU B 222 -20.61 1.19 8.02
C GLU B 222 -20.65 -0.32 7.70
N SER B 223 -21.77 -0.73 7.10
CA SER B 223 -22.00 -2.16 6.79
C SER B 223 -21.86 -2.39 5.33
N GLY B 224 -21.30 -3.54 5.01
CA GLY B 224 -21.33 -3.98 3.65
C GLY B 224 -22.75 -4.03 3.05
N GLN B 225 -22.84 -3.83 1.71
CA GLN B 225 -24.12 -3.89 1.02
C GLN B 225 -23.78 -4.27 -0.41
N GLY B 226 -23.35 -5.53 -0.57
CA GLY B 226 -22.58 -5.87 -1.75
C GLY B 226 -23.37 -5.83 -3.03
N ASN B 227 -22.69 -5.44 -4.10
CA ASN B 227 -23.27 -5.41 -5.42
CA ASN B 227 -23.26 -5.49 -5.46
C ASN B 227 -22.11 -5.41 -6.42
N ALA B 228 -21.84 -6.58 -7.04
CA ALA B 228 -20.59 -6.68 -7.83
C ALA B 228 -20.58 -5.65 -8.98
N PRO B 229 -21.69 -5.51 -9.74
CA PRO B 229 -21.60 -4.52 -10.84
C PRO B 229 -21.25 -3.12 -10.34
N SER B 230 -21.74 -2.73 -9.17
CA SER B 230 -21.42 -1.37 -8.62
C SER B 230 -19.98 -1.34 -8.10
N CYS B 231 -19.53 -2.41 -7.44
CA CYS B 231 -18.13 -2.49 -7.00
C CYS B 231 -17.18 -2.39 -8.21
N LYS B 232 -17.53 -3.18 -9.26
CA LYS B 232 -16.81 -3.15 -10.51
C LYS B 232 -16.66 -1.72 -11.06
N GLU B 233 -17.73 -0.95 -11.07
CA GLU B 233 -17.65 0.43 -11.60
CA GLU B 233 -17.72 0.44 -11.53
C GLU B 233 -16.71 1.26 -10.76
N GLU B 234 -16.68 1.06 -9.47
CA GLU B 234 -15.69 1.80 -8.59
C GLU B 234 -14.27 1.43 -8.97
N VAL B 235 -14.03 0.12 -9.12
CA VAL B 235 -12.65 -0.28 -9.44
C VAL B 235 -12.26 0.26 -10.83
N THR B 236 -13.22 0.27 -11.79
CA THR B 236 -12.97 0.79 -13.14
C THR B 236 -12.51 2.25 -13.06
N SER B 237 -13.04 3.06 -12.10
CA SER B 237 -12.55 4.43 -12.05
CA SER B 237 -12.56 4.43 -12.04
C SER B 237 -11.06 4.46 -11.72
N LEU B 238 -10.58 3.55 -10.87
CA LEU B 238 -9.10 3.46 -10.64
C LEU B 238 -8.36 2.98 -11.87
N MET B 239 -8.93 1.99 -12.56
CA MET B 239 -8.30 1.42 -13.78
CA MET B 239 -8.16 1.47 -13.72
C MET B 239 -8.10 2.49 -14.86
N ASN B 240 -9.21 3.24 -15.12
CA ASN B 240 -9.29 4.09 -16.31
C ASN B 240 -9.20 5.58 -16.05
N SER B 241 -9.88 6.08 -15.00
CA SER B 241 -9.73 7.54 -14.72
C SER B 241 -8.37 7.84 -14.13
N VAL B 242 -7.77 6.94 -13.38
CA VAL B 242 -6.46 7.16 -12.77
C VAL B 242 -5.38 6.58 -13.71
N HIS B 243 -5.33 5.25 -13.89
CA HIS B 243 -4.23 4.65 -14.64
C HIS B 243 -4.35 4.62 -16.16
N LYS B 244 -5.52 4.96 -16.69
CA LYS B 244 -5.72 4.98 -18.16
C LYS B 244 -5.35 3.61 -18.76
N VAL B 245 -5.78 2.55 -18.10
CA VAL B 245 -5.48 1.23 -18.64
C VAL B 245 -6.13 1.02 -20.03
N ASN B 246 -7.39 1.46 -20.13
CA ASN B 246 -8.11 1.27 -21.40
C ASN B 246 -7.41 1.94 -22.55
N GLN B 247 -7.02 3.20 -22.40
CA GLN B 247 -6.39 3.96 -23.47
C GLN B 247 -5.07 3.36 -23.90
N GLN B 248 -4.36 2.75 -22.96
CA GLN B 248 -3.04 2.18 -23.26
C GLN B 248 -3.18 0.81 -23.93
N ILE B 249 -4.13 -0.02 -23.49
CA ILE B 249 -4.18 -1.42 -23.92
C ILE B 249 -5.19 -1.75 -25.04
N GLN B 250 -6.37 -1.15 -24.93
CA GLN B 250 -7.43 -1.56 -25.88
C GLN B 250 -7.13 -1.38 -27.32
N PRO B 251 -6.53 -0.25 -27.73
CA PRO B 251 -6.30 -0.12 -29.21
C PRO B 251 -5.34 -1.19 -29.70
N LEU B 252 -4.40 -1.62 -28.86
CA LEU B 252 -3.39 -2.55 -29.30
C LEU B 252 -4.04 -3.92 -29.41
N LEU B 253 -4.87 -4.34 -28.44
CA LEU B 253 -5.54 -5.67 -28.56
C LEU B 253 -6.54 -5.69 -29.74
N ALA B 254 -7.23 -4.55 -30.00
CA ALA B 254 -8.24 -4.52 -31.08
C ALA B 254 -7.60 -4.97 -32.39
N LEU B 255 -6.35 -4.53 -32.59
CA LEU B 255 -5.63 -4.83 -33.81
C LEU B 255 -4.77 -6.05 -33.77
N ASN B 256 -4.46 -6.53 -32.56
CA ASN B 256 -3.62 -7.74 -32.39
C ASN B 256 -4.34 -8.78 -31.53
N PRO B 257 -5.48 -9.32 -32.02
CA PRO B 257 -6.35 -10.15 -31.18
CA PRO B 257 -6.29 -10.04 -31.07
C PRO B 257 -5.60 -11.33 -30.60
N VAL B 258 -5.93 -11.66 -29.38
CA VAL B 258 -5.41 -12.82 -28.73
C VAL B 258 -6.40 -13.95 -28.93
N ASN B 259 -5.95 -15.09 -29.41
CA ASN B 259 -6.82 -16.23 -29.60
C ASN B 259 -7.05 -17.06 -28.35
N GLU B 260 -6.06 -17.07 -27.43
CA GLU B 260 -6.19 -17.88 -26.21
C GLU B 260 -5.58 -17.01 -25.10
N TRP B 261 -6.36 -16.76 -24.05
CA TRP B 261 -5.88 -16.04 -22.85
C TRP B 261 -5.58 -17.05 -21.75
N TYR B 262 -4.44 -16.85 -21.09
CA TYR B 262 -4.07 -17.67 -19.90
C TYR B 262 -3.75 -16.70 -18.79
N SER B 263 -4.18 -17.03 -17.60
CA SER B 263 -3.90 -16.20 -16.42
C SER B 263 -3.25 -17.04 -15.34
N ILE B 264 -2.42 -16.36 -14.55
CA ILE B 264 -1.79 -16.91 -13.39
C ILE B 264 -1.91 -15.87 -12.27
N GLY B 265 -1.54 -16.21 -11.05
CA GLY B 265 -1.68 -15.31 -9.89
C GLY B 265 -3.00 -15.52 -9.18
N GLY B 266 -3.46 -14.47 -8.46
CA GLY B 266 -4.55 -14.74 -7.48
C GLY B 266 -5.82 -15.23 -8.10
N ILE B 267 -6.07 -14.93 -9.38
CA ILE B 267 -7.31 -15.36 -10.01
C ILE B 267 -7.36 -16.91 -10.06
N SER B 268 -6.20 -17.60 -10.18
CA SER B 268 -6.20 -19.06 -10.14
C SER B 268 -6.73 -19.57 -8.81
N ASN B 269 -6.25 -18.96 -7.74
CA ASN B 269 -6.69 -19.34 -6.39
C ASN B 269 -8.16 -19.06 -6.16
N LEU B 270 -8.63 -17.87 -6.58
CA LEU B 270 -10.05 -17.57 -6.36
C LEU B 270 -10.92 -18.55 -7.17
N ALA B 271 -10.57 -18.78 -8.44
CA ALA B 271 -11.43 -19.55 -9.35
C ALA B 271 -11.50 -21.03 -8.93
N SER B 272 -10.47 -21.51 -8.24
CA SER B 272 -10.43 -22.91 -7.78
CA SER B 272 -10.29 -22.88 -7.71
C SER B 272 -10.79 -23.07 -6.28
N SER B 273 -11.26 -21.98 -5.66
CA SER B 273 -11.73 -22.06 -4.30
C SER B 273 -13.06 -22.80 -4.14
N GLN B 274 -13.49 -22.97 -2.91
CA GLN B 274 -14.75 -23.64 -2.66
C GLN B 274 -15.92 -22.73 -2.94
N LEU B 275 -15.69 -21.44 -3.20
CA LEU B 275 -16.81 -20.46 -3.40
C LEU B 275 -17.21 -20.24 -4.84
N PHE B 276 -16.33 -20.64 -5.78
CA PHE B 276 -16.56 -20.43 -7.20
C PHE B 276 -16.56 -21.77 -7.88
N HIS B 277 -17.24 -21.84 -9.04
CA HIS B 277 -17.43 -23.18 -9.67
C HIS B 277 -17.26 -23.05 -11.15
N PHE B 278 -16.09 -23.52 -11.60
CA PHE B 278 -15.76 -23.48 -13.01
C PHE B 278 -15.23 -24.84 -13.42
N GLU B 279 -15.42 -25.21 -14.70
CA GLU B 279 -14.97 -26.47 -15.24
C GLU B 279 -13.75 -26.21 -16.10
N ASN B 280 -12.95 -27.25 -16.28
CA ASN B 280 -11.83 -27.23 -17.23
C ASN B 280 -10.81 -26.14 -17.00
N SER B 281 -10.66 -25.72 -15.73
CA SER B 281 -9.71 -24.64 -15.34
CA SER B 281 -9.72 -24.67 -15.35
C SER B 281 -9.85 -23.42 -16.24
N GLU B 282 -11.08 -23.02 -16.53
CA GLU B 282 -11.33 -21.77 -17.29
C GLU B 282 -12.59 -21.10 -16.84
N LEU B 283 -12.66 -19.82 -17.10
CA LEU B 283 -13.81 -19.05 -16.69
C LEU B 283 -14.14 -18.07 -17.83
N THR B 284 -15.28 -17.41 -17.72
CA THR B 284 -15.49 -16.15 -18.48
C THR B 284 -15.72 -15.00 -17.44
N ASN B 285 -15.43 -13.77 -17.86
CA ASN B 285 -15.68 -12.63 -16.99
C ASN B 285 -17.15 -12.49 -16.63
N GLN B 286 -18.08 -12.76 -17.59
CA GLN B 286 -19.53 -12.68 -17.22
C GLN B 286 -19.86 -13.64 -16.11
N SER B 287 -19.37 -14.90 -16.19
CA SER B 287 -19.70 -15.84 -15.16
C SER B 287 -19.04 -15.51 -13.85
N LEU B 288 -17.80 -15.06 -13.90
CA LEU B 288 -17.05 -14.65 -12.70
C LEU B 288 -17.82 -13.52 -11.93
N LEU B 289 -18.28 -12.49 -12.64
CA LEU B 289 -18.97 -11.38 -11.99
C LEU B 289 -20.34 -11.82 -11.39
N GLN B 290 -21.06 -12.66 -12.12
CA GLN B 290 -22.33 -13.15 -11.66
C GLN B 290 -22.17 -14.02 -10.44
N GLN B 291 -21.15 -14.89 -10.43
CA GLN B 291 -20.90 -15.74 -9.26
C GLN B 291 -20.47 -14.92 -8.07
N GLY B 292 -19.58 -13.94 -8.29
CA GLY B 292 -19.22 -13.12 -7.17
C GLY B 292 -20.41 -12.34 -6.63
N ASP B 293 -21.24 -11.81 -7.53
CA ASP B 293 -22.41 -11.02 -7.09
C ASP B 293 -23.39 -11.85 -6.24
N ASN B 294 -23.71 -13.08 -6.70
CA ASN B 294 -24.77 -13.83 -6.03
C ASN B 294 -24.28 -14.80 -4.98
N GLN B 295 -23.01 -15.26 -5.13
CA GLN B 295 -22.47 -16.19 -4.12
C GLN B 295 -21.75 -15.54 -2.95
N ILE B 296 -21.41 -14.25 -3.15
CA ILE B 296 -20.67 -13.48 -2.12
C ILE B 296 -21.39 -12.17 -1.82
N CYS B 297 -21.43 -11.28 -2.80
CA CYS B 297 -21.85 -9.86 -2.51
C CYS B 297 -23.23 -9.74 -1.85
N HIS B 298 -24.21 -10.48 -2.35
CA HIS B 298 -25.57 -10.42 -1.89
C HIS B 298 -25.91 -11.36 -0.74
N GLN B 299 -24.92 -12.01 -0.19
CA GLN B 299 -25.08 -12.88 1.02
C GLN B 299 -24.97 -12.14 2.29
N GLN B 300 -25.57 -12.70 3.31
CA GLN B 300 -25.45 -12.15 4.67
CA GLN B 300 -25.44 -12.12 4.65
C GLN B 300 -24.07 -12.57 5.18
N TRP B 301 -23.21 -11.61 5.58
CA TRP B 301 -21.83 -11.94 5.91
C TRP B 301 -21.69 -13.02 7.00
N ASP B 302 -22.34 -12.86 8.18
CA ASP B 302 -22.16 -13.83 9.25
C ASP B 302 -22.60 -15.24 8.88
N ILE B 303 -23.67 -15.32 8.12
CA ILE B 303 -24.13 -16.60 7.65
C ILE B 303 -23.11 -17.25 6.66
N LEU B 304 -22.64 -16.49 5.70
CA LEU B 304 -21.69 -17.01 4.69
C LEU B 304 -20.36 -17.36 5.35
N ASN B 305 -19.85 -16.50 6.25
CA ASN B 305 -18.62 -16.76 6.98
C ASN B 305 -18.75 -18.04 7.83
N GLY B 306 -19.90 -18.23 8.45
CA GLY B 306 -20.11 -19.47 9.21
C GLY B 306 -20.13 -20.71 8.29
N GLN B 307 -20.67 -20.54 7.08
CA GLN B 307 -20.74 -21.69 6.11
C GLN B 307 -19.37 -22.09 5.58
N TYR B 308 -18.48 -21.12 5.39
CA TYR B 308 -17.18 -21.39 4.73
C TYR B 308 -16.08 -20.83 5.65
N PRO B 309 -15.78 -21.54 6.74
CA PRO B 309 -14.83 -21.00 7.74
C PRO B 309 -13.37 -21.15 7.31
N ASP B 310 -13.05 -21.89 6.24
CA ASP B 310 -11.67 -22.22 6.08
C ASP B 310 -10.91 -21.47 4.98
N ASP B 311 -11.51 -20.41 4.45
CA ASP B 311 -10.87 -19.66 3.37
C ASP B 311 -10.57 -18.18 3.80
N GLU B 312 -9.31 -17.86 4.08
CA GLU B 312 -8.96 -16.54 4.63
C GLU B 312 -9.24 -15.41 3.59
N TYR B 313 -9.50 -15.77 2.32
CA TYR B 313 -9.82 -14.76 1.27
C TYR B 313 -11.33 -14.50 1.13
N LEU B 314 -12.16 -15.25 1.85
CA LEU B 314 -13.62 -15.15 1.70
C LEU B 314 -14.10 -13.72 1.73
N TYR B 315 -13.64 -12.97 2.74
CA TYR B 315 -14.21 -11.66 2.89
C TYR B 315 -13.93 -10.75 1.72
N GLN B 316 -12.90 -11.07 0.89
CA GLN B 316 -12.49 -10.25 -0.22
C GLN B 316 -13.09 -10.71 -1.55
N TYR B 317 -13.86 -11.82 -1.60
CA TYR B 317 -14.22 -12.34 -2.89
C TYR B 317 -15.24 -11.50 -3.66
N CYS B 318 -16.08 -10.72 -2.97
CA CYS B 318 -16.97 -9.79 -3.70
C CYS B 318 -16.09 -8.77 -4.44
N LEU B 319 -15.15 -8.18 -3.70
CA LEU B 319 -14.21 -7.15 -4.26
C LEU B 319 -13.37 -7.77 -5.39
N LEU B 320 -12.79 -8.94 -5.12
CA LEU B 320 -11.80 -9.47 -6.06
C LEU B 320 -12.48 -9.92 -7.39
N SER B 321 -13.64 -10.60 -7.34
CA SER B 321 -14.31 -10.95 -8.59
C SER B 321 -14.64 -9.67 -9.37
N SER B 322 -15.13 -8.60 -8.64
CA SER B 322 -15.41 -7.28 -9.28
C SER B 322 -14.18 -6.67 -9.91
N TYR B 323 -13.08 -6.76 -9.18
CA TYR B 323 -11.81 -6.19 -9.65
C TYR B 323 -11.25 -6.92 -10.91
N TYR B 324 -11.30 -8.26 -10.86
CA TYR B 324 -10.79 -8.98 -12.06
C TYR B 324 -11.57 -8.62 -13.31
N TYR B 325 -12.91 -8.50 -13.13
CA TYR B 325 -13.73 -8.12 -14.27
C TYR B 325 -13.38 -6.65 -14.73
N ALA B 326 -13.26 -5.70 -13.75
CA ALA B 326 -12.93 -4.35 -14.11
C ALA B 326 -11.59 -4.32 -14.86
N LEU B 327 -10.59 -5.10 -14.42
CA LEU B 327 -9.28 -5.09 -15.05
C LEU B 327 -9.40 -5.67 -16.48
N MET B 328 -9.97 -6.88 -16.61
CA MET B 328 -9.94 -7.53 -17.91
C MET B 328 -10.90 -6.93 -18.90
N VAL B 329 -12.15 -6.63 -18.48
CA VAL B 329 -13.19 -6.16 -19.40
C VAL B 329 -13.07 -4.66 -19.61
N ASP B 330 -13.12 -3.90 -18.51
CA ASP B 330 -13.12 -2.42 -18.66
C ASP B 330 -11.74 -1.86 -18.91
N GLY B 331 -10.70 -2.52 -18.38
CA GLY B 331 -9.31 -2.09 -18.65
C GLY B 331 -8.84 -2.62 -19.98
N TYR B 332 -8.60 -3.92 -20.02
CA TYR B 332 -7.99 -4.49 -21.26
C TYR B 332 -8.93 -4.52 -22.44
N GLY B 333 -10.25 -4.47 -22.21
CA GLY B 333 -11.20 -4.55 -23.34
C GLY B 333 -11.61 -5.96 -23.71
N ILE B 334 -11.28 -6.98 -22.92
CA ILE B 334 -11.62 -8.39 -23.25
C ILE B 334 -13.14 -8.56 -23.19
N ASN B 335 -13.69 -9.30 -24.16
CA ASN B 335 -15.13 -9.57 -24.18
C ASN B 335 -15.55 -10.30 -22.91
N PRO B 336 -16.60 -9.85 -22.20
CA PRO B 336 -17.14 -10.64 -21.05
C PRO B 336 -17.42 -12.10 -21.35
N ASN B 337 -17.68 -12.44 -22.63
CA ASN B 337 -18.03 -13.83 -22.94
C ASN B 337 -16.80 -14.69 -23.30
N GLN B 338 -15.59 -14.10 -23.30
CA GLN B 338 -14.40 -14.79 -23.74
C GLN B 338 -13.85 -15.70 -22.68
N THR B 339 -13.48 -16.93 -23.06
CA THR B 339 -12.86 -17.86 -22.12
C THR B 339 -11.45 -17.39 -21.69
N ILE B 340 -11.21 -17.43 -20.38
CA ILE B 340 -9.91 -17.12 -19.79
C ILE B 340 -9.45 -18.41 -19.10
N HIS B 341 -8.39 -19.02 -19.59
CA HIS B 341 -7.81 -20.23 -18.94
C HIS B 341 -7.10 -19.72 -17.66
N TYR B 342 -7.10 -20.47 -16.59
CA TYR B 342 -6.27 -20.15 -15.39
C TYR B 342 -5.45 -21.39 -15.12
N ILE B 343 -4.20 -21.23 -14.74
CA ILE B 343 -3.37 -22.38 -14.43
C ILE B 343 -3.73 -22.90 -13.01
N PRO B 344 -3.96 -24.20 -12.83
CA PRO B 344 -4.31 -24.69 -11.46
C PRO B 344 -3.20 -24.31 -10.45
N PRO B 345 -3.56 -23.82 -9.22
CA PRO B 345 -2.55 -23.42 -8.19
C PRO B 345 -1.63 -24.59 -7.85
N GLU B 346 -2.13 -25.83 -7.87
CA GLU B 346 -1.33 -27.00 -7.45
C GLU B 346 -0.05 -27.09 -8.30
N GLN B 347 -0.06 -26.51 -9.50
CA GLN B 347 1.09 -26.66 -10.40
C GLN B 347 2.29 -25.82 -10.03
N ASN B 348 2.08 -24.89 -9.14
CA ASN B 348 3.16 -24.04 -8.64
C ASN B 348 3.87 -23.32 -9.79
N LEU B 349 3.12 -22.91 -10.81
CA LEU B 349 3.69 -22.22 -11.93
CA LEU B 349 3.66 -22.22 -11.95
C LEU B 349 3.76 -20.74 -11.64
N ASP B 350 4.95 -20.15 -11.72
CA ASP B 350 5.08 -18.70 -11.69
C ASP B 350 6.15 -18.35 -12.70
N TRP B 351 6.41 -17.09 -12.81
CA TRP B 351 7.30 -16.58 -13.83
C TRP B 351 8.75 -17.14 -13.73
N THR B 352 9.12 -17.77 -12.63
CA THR B 352 10.51 -18.23 -12.48
C THR B 352 10.97 -19.26 -13.52
N ILE B 353 10.03 -20.03 -14.11
CA ILE B 353 10.44 -20.88 -15.27
C ILE B 353 11.03 -20.03 -16.42
N GLY B 354 10.52 -18.82 -16.58
CA GLY B 354 11.08 -17.92 -17.60
C GLY B 354 12.56 -17.61 -17.36
N VAL B 355 12.97 -17.44 -16.08
CA VAL B 355 14.38 -17.20 -15.77
C VAL B 355 15.22 -18.40 -16.13
N VAL B 356 14.71 -19.63 -15.91
CA VAL B 356 15.49 -20.78 -16.32
C VAL B 356 15.80 -20.66 -17.83
N LEU B 357 14.78 -20.33 -18.63
CA LEU B 357 14.93 -20.31 -20.07
C LEU B 357 15.73 -19.13 -20.58
N HIS B 358 15.67 -17.95 -19.92
CA HIS B 358 16.12 -16.69 -20.56
C HIS B 358 16.73 -15.91 -19.38
N ARG B 359 18.06 -15.82 -19.34
CA ARG B 359 18.73 -15.18 -18.17
C ARG B 359 18.85 -13.67 -18.27
N ALA B 360 18.80 -13.10 -19.48
CA ALA B 360 18.99 -11.66 -19.66
C ALA B 360 17.82 -10.83 -19.05
N LEU B 361 18.19 -9.68 -18.49
CA LEU B 361 17.25 -8.72 -17.89
C LEU B 361 17.39 -7.42 -18.66
N GLU B 362 16.37 -6.54 -18.61
CA GLU B 362 16.42 -5.19 -19.21
C GLU B 362 17.63 -4.47 -18.63
N HIS B 363 18.35 -3.73 -19.48
CA HIS B 363 19.53 -2.92 -19.09
C HIS B 363 19.08 -1.48 -18.90
O1A AU1 C . 0.86 9.07 11.54
PA AU1 C . 1.34 8.48 10.21
O2A AU1 C . 2.57 7.67 10.30
N3A AU1 C . 0.17 7.58 9.42
PB AU1 C . -1.44 7.45 9.96
O2B AU1 C . -2.21 7.13 8.71
O1B AU1 C . -1.48 6.29 10.92
O3B AU1 C . -1.83 8.80 10.62
O5' AU1 C . 1.56 9.72 9.17
C5' AU1 C . 2.63 10.61 9.23
C4' AU1 C . 2.94 10.97 7.81
C3' AU1 C . 3.56 9.82 7.03
O3' AU1 C . 2.91 9.74 5.74
C2' AU1 C . 5.02 10.23 6.81
O2' AU1 C . 5.58 9.58 5.63
C1' AU1 C . 4.81 11.73 6.67
O4' AU1 C . 3.95 12.00 7.77
N9 AU1 C . 6.07 12.51 6.70
C4 AU1 C . 6.40 13.46 5.80
C5 AU1 C . 7.71 13.95 6.07
N7 AU1 C . 8.08 13.29 7.25
C8 AU1 C . 7.10 12.43 7.60
N3 AU1 C . 5.67 13.88 4.74
C2 AU1 C . 6.26 14.86 4.02
N1 AU1 C . 7.50 15.37 4.15
C6 AU1 C . 8.27 14.92 5.20
N6 AU1 C . 9.49 15.52 5.34
O1 MES D . -17.87 5.76 -3.29
C2 MES D . -18.05 4.56 -2.50
C3 MES D . -17.95 4.79 -1.00
N4 MES D . -16.78 5.56 -0.63
C5 MES D . -16.66 6.87 -1.43
C6 MES D . -16.64 6.48 -2.92
C7 MES D . -16.80 5.81 0.87
C8 MES D . -15.40 5.73 1.57
S MES D . -14.36 7.11 1.28
O1S MES D . -13.28 6.97 2.25
O2S MES D . -13.69 7.00 0.02
O3S MES D . -15.13 8.32 1.52
CL CL E . 7.11 -0.94 -12.46
MG MG F . -0.98 9.77 12.14
CL CL G . -11.57 3.67 8.26
CL CL H . 9.40 -7.58 10.46
O1A AU1 I . 3.12 -12.83 -6.49
PA AU1 I . 2.33 -11.99 -5.53
O2A AU1 I . 2.49 -12.25 -4.08
N3A AU1 I . 2.51 -10.32 -5.78
PB AU1 I . 3.47 -9.69 -7.03
O2B AU1 I . 2.88 -8.32 -7.33
O1B AU1 I . 4.90 -9.54 -6.53
O3B AU1 I . 3.35 -10.63 -8.19
O5' AU1 I . 0.78 -12.16 -5.90
C5' AU1 I . -0.02 -13.33 -5.66
C4' AU1 I . -1.42 -12.75 -5.44
C3' AU1 I . -1.55 -12.00 -4.10
O3' AU1 I . -2.30 -10.78 -4.33
C2' AU1 I . -2.33 -12.91 -3.17
O2' AU1 I . -3.07 -12.23 -2.18
C1' AU1 I . -3.24 -13.59 -4.20
O4' AU1 I . -2.28 -13.93 -5.25
N9 AU1 I . -4.02 -14.77 -3.73
C4 AU1 I . -5.34 -14.89 -3.88
C5 AU1 I . -5.77 -16.05 -3.24
N7 AU1 I . -4.63 -16.63 -2.77
C8 AU1 I . -3.56 -15.83 -3.01
N3 AU1 I . -6.24 -14.10 -4.55
C2 AU1 I . -7.49 -14.53 -4.61
N1 AU1 I . -8.01 -15.63 -3.97
C6 AU1 I . -7.14 -16.43 -3.29
N6 AU1 I . -7.67 -17.52 -2.72
O1 MES J . -1.11 8.63 -16.55
O1 MES J . 0.30 7.78 -15.89
C2 MES J . 0.29 8.97 -16.28
C2 MES J . -1.01 7.87 -16.49
C3 MES J . 1.30 7.81 -16.31
C3 MES J . -1.31 6.60 -17.29
N4 MES J . 0.70 6.46 -16.06
N4 MES J . -0.60 5.52 -16.60
C5 MES J . -0.63 6.33 -16.72
C5 MES J . 0.84 5.66 -16.90
C6 MES J . -1.63 7.33 -16.17
C6 MES J . 1.25 7.13 -16.73
C7 MES J . 1.66 5.40 -16.50
C7 MES J . -0.77 5.78 -15.16
C8 MES J . 1.73 4.30 -15.43
C8 MES J . -0.43 4.58 -14.32
S MES J . 0.64 3.00 -15.49
S MES J . 0.29 3.34 -15.16
O1S MES J . 1.34 1.87 -14.86
O1S MES J . -0.29 2.06 -14.65
O2S MES J . -0.62 3.30 -14.79
O2S MES J . 0.04 3.47 -16.62
O3S MES J . 0.36 2.63 -16.90
O3S MES J . 1.76 3.28 -14.87
MG MG K . 3.75 -12.58 -8.40
#